data_9M4N
#
_entry.id   9M4N
#
_cell.length_a   144.467
_cell.length_b   144.467
_cell.length_c   162.963
_cell.angle_alpha   90.00
_cell.angle_beta   90.00
_cell.angle_gamma   120.00
#
_symmetry.space_group_name_H-M   'P 6 2 2'
#
loop_
_entity.id
_entity.type
_entity.pdbx_description
1 polymer 'Cell division control protein 48 homolog A'
2 non-polymer "ADENOSINE-5'-DIPHOSPHATE"
3 water water
#
_entity_poly.entity_id   1
_entity_poly.type   'polypeptide(L)'
_entity_poly.pdbx_seq_one_letter_code
;GSNRLVVDEAINDDNSVVSLHPATMEKLQLFRGDTILIKGKKRKDTVCIALADETCEEPKIRMNKVVRSNLRVRLGDVIS
VHQCPDVKYGKRVHILPVDDTVEGVTGNLFDAYLKPYFLEAYRPVRKGDLFLVRGGMRSVEFKVIETDPAEYCVVAPDTE
IFCEGEPVKREDEERLDDVGYDDVGGVRKQMAQIRELVELPLRHPQLFKSIGVKPPKGILLYGPPGSGKTLIARAVANET
GAFFFCINGPEIMSKLAGESESNLRKAFEEAEKNAPSIIFIDEIDSIAPKREKTNGEVERRIVSQLLTLMDGLKSRAHVI
VMGATNRPNSIDPALRRFGRFDREIDIGVPDEIGRLEVLRIHTKNMKLAEDVDLERISKDTHGYVGADLAALCTEAALQC
IREKMDVIDLEDDSIDAEILNSMAVTNEHFHTALGNSNPSALRETVVEVPNVSWNDIGGLENVKRELQETVQYPVEHPEK
FEKFGMSPSKGVLFYGPPGCGKTLLAKAIANECQANFISVKGPELLTMWFGESEANVREIFDKARQSAPCVLFFDELDSI
ATQRGGGSGGDGGGAADRVLNQLLTEMDGMNAKKTVFIIGATNRPDIIDSALLRPGRLDQLIYIPLPDEDSRLNIFKAAL
RKSPIAKDVDIGALAKYTQGFSGADITEICQRACKYAIRENIEKDIEKEKRRSENPEAMEEDGVDEVSEIKAAHFEESMK
YARRSVSDADIRKYQAFAQTLQQSRGFGSEFRFENSAGSGATTGVADPFATSAAAAGDDDDLYN
;
_entity_poly.pdbx_strand_id   A
#
# COMPACT_ATOMS: atom_id res chain seq x y z
N GLY A 1 -7.10 -8.70 -32.34
CA GLY A 1 -6.07 -7.79 -31.80
C GLY A 1 -6.58 -6.37 -31.73
N SER A 2 -7.75 -6.10 -32.31
CA SER A 2 -8.33 -4.74 -32.31
C SER A 2 -9.53 -4.70 -31.36
N ASN A 3 -10.36 -5.74 -31.39
CA ASN A 3 -11.50 -5.81 -30.43
C ASN A 3 -11.06 -6.62 -29.21
N ARG A 4 -9.91 -7.30 -29.30
CA ARG A 4 -9.56 -8.14 -28.16
C ARG A 4 -8.87 -7.25 -27.12
N LEU A 5 -9.61 -6.89 -26.07
CA LEU A 5 -9.11 -6.05 -25.00
C LEU A 5 -8.61 -6.89 -23.83
N VAL A 6 -7.60 -6.37 -23.13
CA VAL A 6 -7.05 -7.00 -21.94
C VAL A 6 -7.65 -6.32 -20.71
N VAL A 7 -8.21 -7.12 -19.81
CA VAL A 7 -8.83 -6.57 -18.61
C VAL A 7 -7.76 -6.01 -17.68
N ASP A 8 -8.08 -4.89 -17.02
CA ASP A 8 -7.14 -4.23 -16.13
C ASP A 8 -7.85 -3.83 -14.84
N GLU A 9 -7.19 -3.04 -14.00
CA GLU A 9 -7.77 -2.64 -12.73
C GLU A 9 -8.68 -1.43 -12.91
N ALA A 10 -9.57 -1.23 -11.94
CA ALA A 10 -10.59 -0.20 -12.01
C ALA A 10 -10.21 0.97 -11.12
N ILE A 11 -10.21 2.17 -11.69
CA ILE A 11 -9.97 3.38 -10.90
C ILE A 11 -11.15 3.66 -9.98
N ASN A 12 -12.37 3.40 -10.46
CA ASN A 12 -13.57 3.48 -9.64
C ASN A 12 -14.15 2.08 -9.46
N ASP A 13 -14.41 1.71 -8.21
CA ASP A 13 -14.90 0.37 -7.90
C ASP A 13 -16.42 0.30 -8.05
N ASP A 14 -16.87 0.53 -9.28
CA ASP A 14 -18.29 0.49 -9.62
C ASP A 14 -18.57 -0.76 -10.44
N ASN A 15 -19.66 -1.45 -10.10
CA ASN A 15 -20.02 -2.70 -10.77
C ASN A 15 -20.59 -2.48 -12.17
N SER A 16 -20.90 -1.24 -12.54
CA SER A 16 -21.52 -0.93 -13.81
C SER A 16 -20.67 -0.06 -14.74
N VAL A 17 -19.71 0.69 -14.21
CA VAL A 17 -18.88 1.57 -15.02
C VAL A 17 -17.59 0.85 -15.38
N VAL A 18 -17.30 0.77 -16.67
CA VAL A 18 -16.04 0.23 -17.17
C VAL A 18 -15.41 1.29 -18.08
N SER A 19 -14.19 1.70 -17.76
CA SER A 19 -13.53 2.77 -18.48
C SER A 19 -12.71 2.22 -19.63
N LEU A 20 -12.59 3.02 -20.70
CA LEU A 20 -11.85 2.62 -21.88
C LEU A 20 -11.24 3.85 -22.53
N HIS A 21 -10.35 3.60 -23.48
CA HIS A 21 -9.63 4.67 -24.17
C HIS A 21 -10.53 5.28 -25.24
N PRO A 22 -10.60 6.61 -25.35
CA PRO A 22 -11.54 7.22 -26.30
C PRO A 22 -11.16 7.01 -27.76
N ALA A 23 -9.85 7.02 -28.08
CA ALA A 23 -9.45 6.76 -29.46
C ALA A 23 -9.82 5.35 -29.89
N THR A 24 -9.84 4.41 -28.94
CA THR A 24 -10.37 3.07 -29.25
C THR A 24 -11.88 3.10 -29.35
N MET A 25 -12.54 3.88 -28.49
CA MET A 25 -13.99 4.05 -28.60
C MET A 25 -14.35 4.82 -29.87
N GLU A 26 -13.44 5.66 -30.36
CA GLU A 26 -13.66 6.31 -31.65
C GLU A 26 -13.64 5.30 -32.79
N LYS A 27 -12.94 4.17 -32.61
CA LYS A 27 -12.91 3.13 -33.63
C LYS A 27 -14.17 2.28 -33.62
N LEU A 28 -14.78 2.07 -32.46
CA LEU A 28 -15.90 1.14 -32.32
C LEU A 28 -17.24 1.85 -32.13
N GLN A 29 -17.33 3.13 -32.53
CA GLN A 29 -18.60 3.85 -32.61
C GLN A 29 -19.31 3.91 -31.26
N LEU A 30 -18.64 4.54 -30.29
CA LEU A 30 -19.18 4.58 -28.93
C LEU A 30 -18.74 5.87 -28.24
N PHE A 31 -19.61 6.38 -27.38
CA PHE A 31 -19.29 7.51 -26.51
C PHE A 31 -19.92 7.22 -25.14
N ARG A 32 -19.86 8.20 -24.23
CA ARG A 32 -20.29 7.98 -22.86
C ARG A 32 -21.79 7.72 -22.77
N GLY A 33 -22.19 6.97 -21.76
CA GLY A 33 -23.58 6.67 -21.49
C GLY A 33 -24.11 5.41 -22.14
N ASP A 34 -23.57 5.04 -23.30
CA ASP A 34 -24.06 3.87 -24.02
C ASP A 34 -23.66 2.59 -23.30
N THR A 35 -24.46 1.54 -23.50
CA THR A 35 -24.23 0.25 -22.87
C THR A 35 -23.59 -0.72 -23.85
N ILE A 36 -22.79 -1.64 -23.30
CA ILE A 36 -22.04 -2.61 -24.10
C ILE A 36 -22.18 -4.00 -23.47
N LEU A 37 -22.26 -5.02 -24.33
CA LEU A 37 -22.31 -6.41 -23.89
C LEU A 37 -20.90 -6.98 -23.89
N ILE A 38 -20.46 -7.47 -22.73
CA ILE A 38 -19.10 -7.99 -22.57
C ILE A 38 -19.21 -9.47 -22.21
N LYS A 39 -18.79 -10.34 -23.13
CA LYS A 39 -18.68 -11.76 -22.86
C LYS A 39 -17.20 -12.14 -22.81
N GLY A 40 -16.81 -12.85 -21.76
CA GLY A 40 -15.44 -13.22 -21.51
C GLY A 40 -15.20 -14.68 -21.85
N LYS A 41 -15.37 -15.56 -20.86
CA LYS A 41 -15.12 -16.97 -21.04
C LYS A 41 -16.30 -17.78 -20.51
N LYS A 42 -16.34 -19.05 -20.90
CA LYS A 42 -17.38 -19.98 -20.48
C LYS A 42 -18.78 -19.48 -20.86
N ARG A 43 -18.87 -18.84 -22.03
CA ARG A 43 -20.13 -18.41 -22.62
C ARG A 43 -20.89 -17.41 -21.75
N LYS A 44 -20.28 -16.98 -20.65
CA LYS A 44 -20.95 -16.04 -19.76
C LYS A 44 -20.80 -14.60 -20.26
N ASP A 45 -21.80 -13.78 -19.96
CA ASP A 45 -21.78 -12.39 -20.39
C ASP A 45 -22.57 -11.53 -19.41
N THR A 46 -22.16 -10.27 -19.31
CA THR A 46 -22.95 -9.24 -18.66
C THR A 46 -23.05 -8.02 -19.56
N VAL A 47 -23.47 -6.88 -19.02
CA VAL A 47 -23.65 -5.67 -19.81
C VAL A 47 -23.53 -4.44 -18.91
N CYS A 48 -22.74 -3.46 -19.36
CA CYS A 48 -22.36 -2.34 -18.52
C CYS A 48 -22.30 -1.05 -19.34
N ILE A 49 -22.11 0.07 -18.65
CA ILE A 49 -22.00 1.38 -19.25
C ILE A 49 -20.53 1.76 -19.34
N ALA A 50 -20.13 2.33 -20.49
CA ALA A 50 -18.76 2.71 -20.72
C ALA A 50 -18.53 4.17 -20.32
N LEU A 51 -17.30 4.63 -20.50
CA LEU A 51 -16.93 6.01 -20.20
C LEU A 51 -15.59 6.31 -20.85
N ALA A 52 -15.36 7.59 -21.15
CA ALA A 52 -14.15 8.04 -21.84
C ALA A 52 -13.10 8.40 -20.80
N ASP A 53 -12.21 7.46 -20.50
CA ASP A 53 -11.07 7.69 -19.61
C ASP A 53 -9.79 7.44 -20.38
N GLU A 54 -9.00 8.50 -20.56
CA GLU A 54 -7.74 8.42 -21.30
C GLU A 54 -6.62 7.79 -20.47
N THR A 55 -6.86 7.47 -19.21
CA THR A 55 -5.80 6.94 -18.35
C THR A 55 -5.44 5.50 -18.75
N CYS A 56 -6.42 4.72 -19.15
CA CYS A 56 -6.17 3.33 -19.50
C CYS A 56 -5.42 3.23 -20.83
N GLU A 57 -4.76 2.10 -21.03
CA GLU A 57 -4.05 1.86 -22.28
C GLU A 57 -5.02 1.65 -23.43
N GLU A 58 -4.51 1.77 -24.65
CA GLU A 58 -5.32 1.54 -25.83
C GLU A 58 -5.84 0.11 -25.91
N PRO A 59 -5.01 -0.95 -25.78
CA PRO A 59 -5.56 -2.31 -25.88
C PRO A 59 -5.98 -2.90 -24.55
N LYS A 60 -6.28 -2.04 -23.57
CA LYS A 60 -6.63 -2.50 -22.23
C LYS A 60 -7.94 -1.86 -21.78
N ILE A 61 -8.74 -2.63 -21.04
CA ILE A 61 -10.04 -2.20 -20.55
C ILE A 61 -10.03 -2.31 -19.03
N ARG A 62 -10.74 -1.38 -18.38
CA ARG A 62 -10.82 -1.33 -16.93
C ARG A 62 -12.05 -2.09 -16.45
N MET A 63 -11.83 -3.05 -15.55
CA MET A 63 -12.91 -3.87 -15.01
C MET A 63 -12.76 -3.98 -13.50
N ASN A 64 -13.89 -3.94 -12.80
CA ASN A 64 -13.93 -4.02 -11.34
C ASN A 64 -13.96 -5.48 -10.90
N LYS A 65 -13.57 -5.70 -9.64
CA LYS A 65 -13.48 -7.06 -9.10
C LYS A 65 -14.79 -7.83 -9.26
N VAL A 66 -15.92 -7.17 -9.03
CA VAL A 66 -17.20 -7.85 -9.19
C VAL A 66 -17.55 -8.02 -10.67
N VAL A 67 -17.19 -7.04 -11.50
CA VAL A 67 -17.38 -7.19 -12.95
C VAL A 67 -16.55 -8.35 -13.46
N ARG A 68 -15.37 -8.57 -12.87
CA ARG A 68 -14.49 -9.65 -13.33
C ARG A 68 -15.05 -11.02 -13.00
N SER A 69 -15.61 -11.18 -11.79
CA SER A 69 -16.09 -12.48 -11.37
C SER A 69 -17.37 -12.90 -12.08
N ASN A 70 -18.13 -11.95 -12.63
CA ASN A 70 -19.39 -12.30 -13.27
C ASN A 70 -19.17 -12.94 -14.64
N LEU A 71 -18.07 -12.63 -15.30
CA LEU A 71 -17.74 -13.20 -16.60
C LEU A 71 -16.90 -14.46 -16.49
N ARG A 72 -16.64 -14.94 -15.27
CA ARG A 72 -15.73 -16.06 -15.02
C ARG A 72 -14.35 -15.80 -15.64
N VAL A 73 -13.95 -14.53 -15.67
CA VAL A 73 -12.63 -14.14 -16.14
C VAL A 73 -11.87 -13.53 -14.97
N ARG A 74 -10.55 -13.49 -15.10
CA ARG A 74 -9.68 -12.89 -14.12
C ARG A 74 -8.68 -11.98 -14.84
N LEU A 75 -7.99 -11.15 -14.07
CA LEU A 75 -7.14 -10.14 -14.68
C LEU A 75 -6.03 -10.77 -15.49
N GLY A 76 -5.74 -10.20 -16.66
CA GLY A 76 -4.82 -10.78 -17.60
C GLY A 76 -5.44 -11.64 -18.67
N ASP A 77 -6.76 -11.62 -18.81
CA ASP A 77 -7.47 -12.38 -19.84
C ASP A 77 -8.02 -11.43 -20.90
N VAL A 78 -8.33 -12.00 -22.07
CA VAL A 78 -8.88 -11.24 -23.18
C VAL A 78 -10.38 -11.39 -23.21
N ILE A 79 -11.09 -10.27 -23.29
CA ILE A 79 -12.54 -10.25 -23.37
C ILE A 79 -12.95 -9.57 -24.67
N SER A 80 -14.18 -9.82 -25.08
CA SER A 80 -14.75 -9.27 -26.30
C SER A 80 -15.92 -8.38 -25.95
N VAL A 81 -15.95 -7.18 -26.53
CA VAL A 81 -17.02 -6.22 -26.31
C VAL A 81 -17.88 -6.15 -27.56
N HIS A 82 -19.20 -6.10 -27.36
CA HIS A 82 -20.16 -5.99 -28.45
C HIS A 82 -21.09 -4.83 -28.17
N GLN A 83 -21.46 -4.10 -29.22
CA GLN A 83 -22.43 -3.02 -29.07
C GLN A 83 -23.80 -3.62 -28.72
N CYS A 84 -24.48 -2.99 -27.75
CA CYS A 84 -25.78 -3.46 -27.26
C CYS A 84 -26.79 -2.34 -27.43
N PRO A 85 -27.32 -2.15 -28.65
CA PRO A 85 -28.38 -1.16 -28.84
C PRO A 85 -29.75 -1.71 -28.47
N ASP A 86 -29.97 -3.01 -28.70
CA ASP A 86 -31.25 -3.66 -28.43
C ASP A 86 -31.38 -3.88 -26.93
N VAL A 87 -31.79 -2.83 -26.23
CA VAL A 87 -31.97 -2.87 -24.78
C VAL A 87 -33.05 -1.86 -24.42
N LYS A 88 -33.84 -2.19 -23.39
CA LYS A 88 -34.91 -1.33 -22.93
C LYS A 88 -35.03 -1.45 -21.42
N TYR A 89 -35.76 -0.50 -20.82
CA TYR A 89 -35.96 -0.51 -19.38
C TYR A 89 -36.86 -1.67 -18.96
N GLY A 90 -36.87 -1.96 -17.67
CA GLY A 90 -37.58 -3.12 -17.17
C GLY A 90 -38.74 -2.81 -16.26
N LYS A 91 -39.67 -3.76 -16.14
CA LYS A 91 -40.84 -3.61 -15.26
C LYS A 91 -40.52 -4.17 -13.88
N ARG A 92 -40.47 -5.49 -13.76
CA ARG A 92 -40.22 -6.16 -12.49
C ARG A 92 -38.90 -6.92 -12.55
N VAL A 93 -38.12 -6.80 -11.48
CA VAL A 93 -36.88 -7.57 -11.32
C VAL A 93 -36.83 -8.06 -9.88
N HIS A 94 -36.69 -9.37 -9.70
CA HIS A 94 -36.70 -9.98 -8.38
C HIS A 94 -35.27 -10.11 -7.86
N ILE A 95 -35.02 -9.55 -6.68
CA ILE A 95 -33.70 -9.51 -6.08
C ILE A 95 -33.74 -10.26 -4.76
N LEU A 96 -33.02 -11.38 -4.69
CA LEU A 96 -32.87 -12.14 -3.46
C LEU A 96 -31.43 -12.00 -2.95
N PRO A 97 -31.24 -11.93 -1.63
CA PRO A 97 -29.89 -11.87 -1.09
C PRO A 97 -29.23 -13.24 -1.06
N VAL A 98 -27.93 -13.23 -0.79
CA VAL A 98 -27.11 -14.44 -0.83
C VAL A 98 -26.97 -14.99 0.58
N ASP A 99 -26.91 -16.32 0.68
CA ASP A 99 -26.92 -16.99 1.98
C ASP A 99 -25.68 -16.63 2.80
N ASP A 100 -24.50 -16.68 2.18
CA ASP A 100 -23.25 -16.48 2.90
C ASP A 100 -23.03 -15.03 3.34
N THR A 101 -23.98 -14.13 3.08
CA THR A 101 -23.83 -12.73 3.44
C THR A 101 -24.91 -12.21 4.38
N VAL A 102 -26.10 -12.81 4.38
CA VAL A 102 -27.14 -12.44 5.34
C VAL A 102 -26.88 -13.20 6.63
N GLU A 103 -25.90 -12.74 7.40
CA GLU A 103 -25.52 -13.37 8.66
C GLU A 103 -26.00 -12.47 9.79
N GLY A 104 -27.21 -12.73 10.28
CA GLY A 104 -27.75 -11.98 11.38
C GLY A 104 -28.38 -10.66 10.97
N VAL A 105 -27.84 -10.03 9.92
CA VAL A 105 -28.39 -8.76 9.46
C VAL A 105 -29.79 -8.99 8.90
N THR A 106 -30.73 -8.13 9.29
CA THR A 106 -32.13 -8.27 8.93
C THR A 106 -32.73 -6.89 8.70
N GLY A 107 -34.06 -6.83 8.63
CA GLY A 107 -34.76 -5.59 8.36
C GLY A 107 -35.41 -5.60 6.99
N ASN A 108 -34.90 -4.78 6.09
CA ASN A 108 -35.36 -4.77 4.70
C ASN A 108 -34.16 -4.48 3.81
N LEU A 109 -33.76 -5.46 3.01
CA LEU A 109 -32.63 -5.28 2.10
C LEU A 109 -32.92 -4.21 1.05
N PHE A 110 -34.19 -3.93 0.79
CA PHE A 110 -34.54 -2.90 -0.20
C PHE A 110 -34.41 -1.51 0.38
N ASP A 111 -35.01 -1.27 1.55
CA ASP A 111 -35.05 0.08 2.11
C ASP A 111 -33.67 0.57 2.52
N ALA A 112 -32.78 -0.33 2.94
CA ALA A 112 -31.46 0.05 3.43
C ALA A 112 -30.36 -0.14 2.40
N TYR A 113 -30.30 -1.31 1.76
CA TYR A 113 -29.19 -1.69 0.91
C TYR A 113 -29.46 -1.49 -0.57
N LEU A 114 -30.61 -1.96 -1.05
CA LEU A 114 -30.87 -1.97 -2.49
C LEU A 114 -31.32 -0.60 -3.01
N LYS A 115 -32.05 0.18 -2.19
CA LYS A 115 -32.46 1.51 -2.64
C LYS A 115 -31.28 2.40 -2.95
N PRO A 116 -30.33 2.65 -2.03
CA PRO A 116 -29.19 3.52 -2.37
C PRO A 116 -28.39 3.02 -3.57
N TYR A 117 -28.42 1.71 -3.83
CA TYR A 117 -27.70 1.17 -4.98
C TYR A 117 -28.33 1.66 -6.28
N PHE A 118 -29.66 1.59 -6.38
CA PHE A 118 -30.37 1.90 -7.62
C PHE A 118 -31.08 3.25 -7.59
N LEU A 119 -30.99 4.00 -6.49
CA LEU A 119 -31.58 5.33 -6.44
C LEU A 119 -30.93 6.24 -7.47
N GLU A 120 -31.69 6.62 -8.51
CA GLU A 120 -31.23 7.44 -9.61
C GLU A 120 -30.07 6.81 -10.37
N ALA A 121 -29.78 5.53 -10.13
CA ALA A 121 -28.71 4.82 -10.80
C ALA A 121 -29.33 3.87 -11.82
N TYR A 122 -28.97 4.05 -13.09
CA TYR A 122 -29.53 3.25 -14.18
C TYR A 122 -28.51 2.18 -14.54
N ARG A 123 -28.84 0.92 -14.25
CA ARG A 123 -27.89 -0.17 -14.34
C ARG A 123 -28.51 -1.35 -15.08
N PRO A 124 -27.73 -2.04 -15.91
CA PRO A 124 -28.26 -3.19 -16.65
C PRO A 124 -28.27 -4.46 -15.81
N VAL A 125 -29.00 -5.47 -16.30
CA VAL A 125 -29.31 -6.67 -15.54
C VAL A 125 -29.08 -7.91 -16.40
N ARG A 126 -28.65 -8.99 -15.74
CA ARG A 126 -28.57 -10.33 -16.31
C ARG A 126 -29.59 -11.22 -15.62
N LYS A 127 -29.97 -12.32 -16.28
CA LYS A 127 -30.88 -13.27 -15.65
C LYS A 127 -30.21 -14.02 -14.51
N GLY A 128 -28.91 -14.30 -14.62
CA GLY A 128 -28.18 -14.99 -13.57
C GLY A 128 -26.87 -14.32 -13.22
N ASP A 129 -26.89 -13.46 -12.21
CA ASP A 129 -25.71 -12.70 -11.83
C ASP A 129 -25.72 -12.47 -10.32
N LEU A 130 -24.56 -12.05 -9.81
CA LEU A 130 -24.40 -11.71 -8.40
C LEU A 130 -23.64 -10.39 -8.30
N PHE A 131 -23.89 -9.66 -7.21
CA PHE A 131 -23.29 -8.35 -7.02
C PHE A 131 -23.29 -8.02 -5.54
N LEU A 132 -22.49 -7.01 -5.18
CA LEU A 132 -22.19 -6.68 -3.79
C LEU A 132 -22.67 -5.27 -3.47
N VAL A 133 -23.17 -5.10 -2.24
CA VAL A 133 -23.61 -3.80 -1.74
C VAL A 133 -22.84 -3.53 -0.45
N ARG A 134 -21.94 -2.55 -0.48
CA ARG A 134 -21.16 -2.17 0.69
C ARG A 134 -21.95 -1.16 1.51
N GLY A 135 -22.42 -1.58 2.68
CA GLY A 135 -23.17 -0.69 3.56
C GLY A 135 -23.41 -1.26 4.93
N GLY A 136 -23.37 -0.40 5.95
CA GLY A 136 -23.68 -0.81 7.30
C GLY A 136 -22.66 -1.76 7.91
N MET A 137 -21.40 -1.29 8.00
CA MET A 137 -20.34 -2.01 8.70
C MET A 137 -20.02 -3.37 8.08
N ARG A 138 -20.70 -3.72 7.00
CA ARG A 138 -20.51 -5.02 6.35
C ARG A 138 -20.91 -4.89 4.88
N SER A 139 -21.06 -6.03 4.22
CA SER A 139 -21.43 -6.06 2.81
C SER A 139 -22.21 -7.34 2.55
N VAL A 140 -23.43 -7.20 2.02
CA VAL A 140 -24.32 -8.33 1.76
C VAL A 140 -24.49 -8.48 0.25
N GLU A 141 -24.01 -9.60 -0.28
CA GLU A 141 -24.17 -9.87 -1.70
C GLU A 141 -25.63 -10.16 -2.04
N PHE A 142 -26.05 -9.70 -3.21
CA PHE A 142 -27.39 -9.94 -3.72
C PHE A 142 -27.31 -10.70 -5.03
N LYS A 143 -28.42 -11.34 -5.38
CA LYS A 143 -28.53 -12.10 -6.62
C LYS A 143 -29.71 -11.59 -7.43
N VAL A 144 -29.48 -11.36 -8.71
CA VAL A 144 -30.59 -11.19 -9.65
C VAL A 144 -31.09 -12.56 -10.06
N ILE A 145 -32.39 -12.79 -9.93
CA ILE A 145 -32.97 -14.10 -10.18
C ILE A 145 -33.91 -14.10 -11.38
N GLU A 146 -34.47 -12.96 -11.76
CA GLU A 146 -35.34 -12.88 -12.92
C GLU A 146 -35.08 -11.58 -13.66
N THR A 147 -35.55 -11.53 -14.91
CA THR A 147 -35.38 -10.36 -15.77
C THR A 147 -36.60 -10.27 -16.67
N ASP A 148 -37.34 -9.16 -16.56
CA ASP A 148 -38.63 -9.08 -17.24
C ASP A 148 -38.48 -8.90 -18.75
N PRO A 149 -37.75 -7.89 -19.27
CA PRO A 149 -37.59 -7.79 -20.73
C PRO A 149 -36.43 -8.62 -21.23
N ALA A 150 -36.71 -9.86 -21.62
CA ALA A 150 -35.70 -10.82 -22.11
C ALA A 150 -34.65 -10.99 -21.01
N GLU A 151 -33.37 -10.91 -21.31
CA GLU A 151 -32.32 -11.01 -20.30
C GLU A 151 -31.56 -9.71 -20.10
N TYR A 152 -31.93 -8.64 -20.79
CA TYR A 152 -31.22 -7.37 -20.75
C TYR A 152 -32.15 -6.29 -20.22
N CYS A 153 -32.45 -6.35 -18.93
CA CYS A 153 -33.23 -5.31 -18.27
C CYS A 153 -32.32 -4.18 -17.82
N VAL A 154 -32.92 -3.01 -17.59
CA VAL A 154 -32.23 -1.83 -17.09
C VAL A 154 -33.07 -1.24 -15.98
N VAL A 155 -32.48 -1.09 -14.79
CA VAL A 155 -33.22 -0.59 -13.64
C VAL A 155 -33.36 0.93 -13.74
N ALA A 156 -34.41 1.45 -13.11
CA ALA A 156 -34.73 2.86 -13.14
C ALA A 156 -35.71 3.15 -12.01
N PRO A 157 -35.95 4.42 -11.69
CA PRO A 157 -37.02 4.74 -10.74
C PRO A 157 -38.35 4.09 -11.09
N ASP A 158 -38.59 3.79 -12.37
CA ASP A 158 -39.78 3.04 -12.79
C ASP A 158 -39.42 1.56 -12.84
N THR A 159 -39.49 0.93 -11.66
CA THR A 159 -39.18 -0.48 -11.55
C THR A 159 -39.79 -1.02 -10.25
N GLU A 160 -40.44 -2.18 -10.36
CA GLU A 160 -41.02 -2.87 -9.21
C GLU A 160 -40.08 -3.99 -8.78
N ILE A 161 -39.57 -3.89 -7.55
CA ILE A 161 -38.58 -4.83 -7.04
C ILE A 161 -39.22 -5.59 -5.89
N PHE A 162 -39.62 -6.85 -6.14
CA PHE A 162 -40.10 -7.73 -5.09
C PHE A 162 -38.90 -8.42 -4.45
N CYS A 163 -38.31 -7.77 -3.46
CA CYS A 163 -37.20 -8.34 -2.71
C CYS A 163 -37.66 -9.38 -1.70
N GLU A 164 -38.98 -9.58 -1.57
CA GLU A 164 -39.50 -10.55 -0.62
C GLU A 164 -39.12 -11.97 -1.02
N GLY A 165 -38.58 -12.73 -0.08
CA GLY A 165 -38.22 -14.11 -0.36
C GLY A 165 -37.22 -14.62 0.67
N GLU A 166 -36.53 -15.68 0.28
CA GLU A 166 -35.57 -16.39 1.11
C GLU A 166 -34.15 -16.07 0.67
N PRO A 167 -33.16 -16.29 1.54
CA PRO A 167 -31.75 -16.11 1.11
C PRO A 167 -31.33 -17.19 0.13
N VAL A 168 -31.18 -16.80 -1.14
CA VAL A 168 -30.74 -17.76 -2.16
C VAL A 168 -29.33 -18.23 -1.86
N LYS A 169 -28.99 -19.40 -2.40
CA LYS A 169 -27.68 -20.00 -2.18
C LYS A 169 -26.67 -19.42 -3.17
N ARG A 170 -25.44 -19.89 -3.08
CA ARG A 170 -24.41 -19.59 -4.06
C ARG A 170 -23.93 -20.88 -4.70
N GLU A 171 -23.32 -20.74 -5.88
CA GLU A 171 -22.88 -21.89 -6.68
C GLU A 171 -21.56 -21.55 -7.37
N ASP A 172 -20.45 -22.01 -6.78
CA ASP A 172 -19.11 -21.81 -7.34
C ASP A 172 -18.81 -20.34 -7.62
N GLU A 173 -19.49 -19.45 -6.91
CA GLU A 173 -19.25 -18.01 -7.02
C GLU A 173 -18.36 -17.60 -5.87
N GLU A 174 -17.08 -17.36 -6.18
CA GLU A 174 -16.13 -16.93 -5.16
C GLU A 174 -16.64 -15.69 -4.45
N ARG A 175 -16.41 -15.64 -3.14
CA ARG A 175 -16.84 -14.52 -2.33
C ARG A 175 -16.38 -13.20 -2.93
N LEU A 176 -17.34 -12.36 -3.32
CA LEU A 176 -17.01 -11.04 -3.84
C LEU A 176 -16.37 -10.15 -2.78
N ASP A 177 -16.36 -10.57 -1.52
CA ASP A 177 -15.62 -9.89 -0.47
C ASP A 177 -14.27 -10.55 -0.19
N ASP A 178 -13.87 -11.54 -0.99
CA ASP A 178 -12.56 -12.16 -0.84
C ASP A 178 -11.47 -11.13 -1.11
N VAL A 179 -10.25 -11.49 -0.72
CA VAL A 179 -9.14 -10.55 -0.78
C VAL A 179 -8.76 -10.31 -2.23
N GLY A 180 -8.45 -9.06 -2.57
CA GLY A 180 -8.07 -8.70 -3.93
C GLY A 180 -7.07 -7.56 -3.91
N TYR A 181 -6.55 -7.25 -5.11
CA TYR A 181 -5.57 -6.17 -5.23
C TYR A 181 -6.15 -4.83 -4.80
N ASP A 182 -7.46 -4.64 -4.97
CA ASP A 182 -8.14 -3.44 -4.51
C ASP A 182 -8.31 -3.40 -2.99
N ASP A 183 -7.84 -4.42 -2.27
CA ASP A 183 -7.88 -4.45 -0.82
C ASP A 183 -6.51 -4.31 -0.18
N VAL A 184 -5.46 -4.12 -0.98
CA VAL A 184 -4.10 -3.98 -0.48
C VAL A 184 -3.59 -2.61 -0.91
N GLY A 185 -3.33 -1.74 0.05
CA GLY A 185 -2.86 -0.40 -0.25
C GLY A 185 -1.52 -0.09 0.39
N GLY A 186 -0.85 0.94 -0.11
CA GLY A 186 0.45 1.34 0.40
C GLY A 186 1.62 0.60 -0.19
N VAL A 187 1.38 -0.41 -1.02
CA VAL A 187 2.46 -1.22 -1.59
C VAL A 187 2.16 -1.49 -3.06
N ARG A 188 1.61 -0.51 -3.75
CA ARG A 188 1.30 -0.67 -5.17
C ARG A 188 2.56 -1.02 -5.97
N LYS A 189 3.62 -0.24 -5.79
CA LYS A 189 4.87 -0.49 -6.50
C LYS A 189 5.49 -1.81 -6.05
N GLN A 190 5.34 -2.16 -4.77
CA GLN A 190 5.83 -3.44 -4.29
C GLN A 190 5.08 -4.60 -4.95
N MET A 191 3.82 -4.36 -5.33
CA MET A 191 3.05 -5.37 -6.05
C MET A 191 3.40 -5.46 -7.52
N ALA A 192 4.14 -4.49 -8.06
CA ALA A 192 4.46 -4.50 -9.48
C ALA A 192 5.33 -5.70 -9.83
N GLN A 193 6.43 -5.89 -9.11
CA GLN A 193 7.34 -6.99 -9.41
C GLN A 193 6.72 -8.34 -9.05
N ILE A 194 6.07 -8.43 -7.88
CA ILE A 194 5.43 -9.67 -7.48
C ILE A 194 4.35 -10.09 -8.47
N ARG A 195 3.79 -9.13 -9.21
CA ARG A 195 2.81 -9.43 -10.25
C ARG A 195 3.45 -9.55 -11.63
N GLU A 196 4.76 -9.36 -11.73
CA GLU A 196 5.48 -9.56 -12.99
C GLU A 196 6.23 -10.88 -13.01
N LEU A 197 6.34 -11.57 -11.87
CA LEU A 197 7.07 -12.83 -11.80
C LEU A 197 6.18 -14.02 -11.46
N VAL A 198 5.02 -13.82 -10.84
CA VAL A 198 4.05 -14.89 -10.66
C VAL A 198 2.96 -14.87 -11.71
N GLU A 199 2.99 -13.87 -12.61
CA GLU A 199 1.95 -13.75 -13.63
C GLU A 199 2.02 -14.88 -14.65
N LEU A 200 3.21 -15.43 -14.89
CA LEU A 200 3.39 -16.50 -15.86
C LEU A 200 3.30 -17.91 -15.25
N PRO A 201 4.03 -18.22 -14.16
CA PRO A 201 3.95 -19.59 -13.62
C PRO A 201 2.57 -19.99 -13.15
N LEU A 202 1.66 -19.03 -12.95
CA LEU A 202 0.31 -19.30 -12.48
C LEU A 202 -0.74 -19.15 -13.57
N ARG A 203 -0.77 -18.01 -14.28
CA ARG A 203 -1.80 -17.78 -15.28
C ARG A 203 -1.51 -18.52 -16.58
N HIS A 204 -0.23 -18.69 -16.93
CA HIS A 204 0.16 -19.33 -18.19
C HIS A 204 1.06 -20.51 -17.88
N PRO A 205 0.49 -21.63 -17.42
CA PRO A 205 1.32 -22.79 -17.09
C PRO A 205 1.56 -23.69 -18.28
N GLN A 206 1.75 -23.09 -19.46
CA GLN A 206 1.93 -23.84 -20.70
C GLN A 206 3.39 -23.90 -21.12
N LEU A 207 4.01 -22.74 -21.37
CA LEU A 207 5.40 -22.71 -21.80
C LEU A 207 6.31 -23.42 -20.81
N PHE A 208 6.04 -23.25 -19.51
CA PHE A 208 6.90 -23.83 -18.48
C PHE A 208 6.92 -25.35 -18.49
N LYS A 209 6.18 -25.98 -19.40
CA LYS A 209 6.34 -27.40 -19.66
C LYS A 209 7.40 -27.68 -20.73
N SER A 210 7.65 -26.71 -21.61
CA SER A 210 8.51 -26.92 -22.79
C SER A 210 9.56 -25.84 -22.95
N ILE A 211 9.92 -25.13 -21.88
CA ILE A 211 10.99 -24.13 -21.93
C ILE A 211 12.04 -24.51 -20.90
N GLY A 212 13.31 -24.53 -21.32
CA GLY A 212 14.40 -24.80 -20.43
C GLY A 212 14.70 -23.71 -19.42
N VAL A 213 13.90 -22.64 -19.39
CA VAL A 213 14.11 -21.58 -18.43
C VAL A 213 13.69 -22.07 -17.05
N LYS A 214 14.47 -21.71 -16.03
CA LYS A 214 14.12 -22.04 -14.66
C LYS A 214 13.27 -20.91 -14.09
N PRO A 215 11.97 -21.10 -13.91
CA PRO A 215 11.10 -19.99 -13.56
C PRO A 215 11.29 -19.58 -12.11
N PRO A 216 10.72 -18.45 -11.69
CA PRO A 216 10.74 -18.10 -10.26
C PRO A 216 9.93 -19.12 -9.47
N LYS A 217 10.51 -19.57 -8.36
CA LYS A 217 9.91 -20.66 -7.59
C LYS A 217 9.90 -20.34 -6.10
N GLY A 218 10.88 -19.57 -5.65
CA GLY A 218 10.99 -19.24 -4.24
C GLY A 218 10.84 -17.76 -3.95
N ILE A 219 9.68 -17.38 -3.39
CA ILE A 219 9.40 -16.00 -3.04
C ILE A 219 9.62 -15.83 -1.54
N LEU A 220 10.32 -14.75 -1.17
CA LEU A 220 10.63 -14.46 0.23
C LEU A 220 10.04 -13.10 0.57
N LEU A 221 8.86 -13.09 1.19
CA LEU A 221 8.29 -11.87 1.72
C LEU A 221 8.94 -11.50 3.05
N TYR A 222 9.02 -10.20 3.31
CA TYR A 222 9.50 -9.70 4.59
C TYR A 222 8.99 -8.28 4.75
N GLY A 223 9.10 -7.78 5.97
CA GLY A 223 8.66 -6.43 6.28
C GLY A 223 8.41 -6.24 7.75
N PRO A 224 7.26 -5.68 8.11
CA PRO A 224 6.93 -5.49 9.51
C PRO A 224 6.08 -6.62 10.04
N PRO A 225 6.25 -7.00 11.31
CA PRO A 225 5.34 -7.99 11.91
C PRO A 225 3.91 -7.47 12.04
N GLY A 226 3.71 -6.16 11.94
CA GLY A 226 2.37 -5.62 12.09
C GLY A 226 1.46 -5.99 10.94
N SER A 227 1.91 -5.74 9.71
CA SER A 227 1.02 -5.89 8.56
C SER A 227 1.85 -5.98 7.28
N GLY A 228 1.15 -6.25 6.18
CA GLY A 228 1.75 -6.21 4.86
C GLY A 228 2.33 -7.50 4.35
N LYS A 229 1.86 -8.65 4.83
CA LYS A 229 2.49 -9.91 4.43
C LYS A 229 1.47 -10.95 3.98
N THR A 230 0.48 -11.26 4.82
CA THR A 230 -0.49 -12.29 4.47
C THR A 230 -1.36 -11.88 3.28
N LEU A 231 -1.76 -10.60 3.23
CA LEU A 231 -2.60 -10.15 2.13
C LEU A 231 -1.83 -10.06 0.82
N ILE A 232 -0.53 -9.77 0.87
CA ILE A 232 0.27 -9.72 -0.35
C ILE A 232 0.23 -11.06 -1.06
N ALA A 233 0.11 -12.15 -0.30
CA ALA A 233 -0.02 -13.47 -0.92
C ALA A 233 -1.48 -13.91 -1.01
N ARG A 234 -2.34 -13.46 -0.09
CA ARG A 234 -3.76 -13.80 -0.17
C ARG A 234 -4.43 -13.09 -1.33
N ALA A 235 -4.12 -11.81 -1.54
CA ALA A 235 -4.71 -11.06 -2.64
C ALA A 235 -4.22 -11.52 -4.00
N VAL A 236 -3.19 -12.36 -4.06
CA VAL A 236 -2.67 -12.83 -5.34
C VAL A 236 -3.31 -14.16 -5.69
N ALA A 237 -3.17 -15.16 -4.82
CA ALA A 237 -3.67 -16.49 -5.13
C ALA A 237 -5.19 -16.50 -5.20
N ASN A 238 -5.86 -15.78 -4.29
CA ASN A 238 -7.32 -15.72 -4.32
C ASN A 238 -7.84 -14.90 -5.50
N GLU A 239 -6.98 -14.11 -6.14
CA GLU A 239 -7.33 -13.29 -7.29
C GLU A 239 -6.80 -13.84 -8.61
N THR A 240 -5.55 -14.30 -8.62
CA THR A 240 -5.00 -14.96 -9.81
C THR A 240 -5.66 -16.30 -10.07
N GLY A 241 -6.22 -16.94 -9.04
CA GLY A 241 -6.89 -18.21 -9.21
C GLY A 241 -5.99 -19.39 -8.93
N ALA A 242 -5.27 -19.35 -7.82
CA ALA A 242 -4.32 -20.38 -7.44
C ALA A 242 -4.71 -21.02 -6.12
N PHE A 243 -4.40 -22.30 -5.98
CA PHE A 243 -4.62 -23.00 -4.72
C PHE A 243 -3.74 -22.38 -3.64
N PHE A 244 -4.34 -22.12 -2.48
CA PHE A 244 -3.69 -21.35 -1.42
C PHE A 244 -3.68 -22.16 -0.12
N PHE A 245 -2.52 -22.71 0.22
CA PHE A 245 -2.28 -23.32 1.53
C PHE A 245 -1.25 -22.48 2.26
N CYS A 246 -1.58 -22.06 3.49
CA CYS A 246 -0.70 -21.24 4.31
C CYS A 246 -0.31 -22.04 5.54
N ILE A 247 0.91 -22.59 5.54
CA ILE A 247 1.43 -23.29 6.71
C ILE A 247 1.88 -22.27 7.73
N ASN A 248 1.30 -22.33 8.93
CA ASN A 248 1.70 -21.46 10.02
C ASN A 248 2.84 -22.09 10.79
N GLY A 249 3.86 -21.28 11.09
CA GLY A 249 5.00 -21.70 11.86
C GLY A 249 4.67 -22.33 13.21
N PRO A 250 3.90 -21.63 14.05
CA PRO A 250 3.65 -22.15 15.41
C PRO A 250 3.00 -23.52 15.46
N GLU A 251 2.16 -23.87 14.48
CA GLU A 251 1.51 -25.18 14.52
C GLU A 251 2.51 -26.32 14.32
N ILE A 252 3.49 -26.11 13.44
CA ILE A 252 4.44 -27.17 13.14
C ILE A 252 5.27 -27.51 14.37
N MET A 253 5.66 -26.49 15.15
CA MET A 253 6.48 -26.70 16.33
C MET A 253 5.72 -27.36 17.48
N SER A 254 4.41 -27.54 17.33
CA SER A 254 3.56 -28.06 18.39
C SER A 254 3.53 -29.58 18.45
N LYS A 255 4.37 -30.25 17.67
CA LYS A 255 4.33 -31.70 17.56
C LYS A 255 5.57 -32.32 18.20
N LEU A 256 5.71 -33.63 18.03
CA LEU A 256 6.91 -34.35 18.45
C LEU A 256 7.48 -35.07 17.24
N ALA A 257 7.86 -34.31 16.22
CA ALA A 257 8.30 -34.82 14.92
C ALA A 257 7.25 -35.71 14.27
N GLY A 258 5.99 -35.57 14.67
CA GLY A 258 4.90 -36.30 14.06
C GLY A 258 4.32 -35.54 12.89
N GLU A 259 3.45 -34.57 13.17
CA GLU A 259 3.00 -33.65 12.14
C GLU A 259 4.06 -32.61 11.78
N SER A 260 5.23 -32.65 12.44
CA SER A 260 6.34 -31.81 12.01
C SER A 260 6.96 -32.35 10.73
N GLU A 261 7.21 -33.66 10.68
CA GLU A 261 7.75 -34.28 9.48
C GLU A 261 6.67 -34.63 8.47
N SER A 262 5.42 -34.77 8.91
CA SER A 262 4.35 -35.14 7.99
C SER A 262 3.78 -33.93 7.26
N ASN A 263 3.25 -32.96 8.02
CA ASN A 263 2.62 -31.80 7.40
C ASN A 263 3.58 -31.07 6.47
N LEU A 264 4.88 -31.04 6.81
CA LEU A 264 5.86 -30.49 5.89
C LEU A 264 5.87 -31.28 4.58
N ARG A 265 5.96 -32.61 4.67
CA ARG A 265 5.89 -33.44 3.48
C ARG A 265 4.50 -33.40 2.87
N LYS A 266 3.47 -33.59 3.69
CA LYS A 266 2.11 -33.78 3.16
C LYS A 266 1.60 -32.53 2.47
N ALA A 267 1.77 -31.36 3.09
CA ALA A 267 1.32 -30.13 2.44
C ALA A 267 2.17 -29.82 1.21
N PHE A 268 3.45 -30.16 1.23
CA PHE A 268 4.27 -30.03 0.03
C PHE A 268 3.84 -31.03 -1.04
N GLU A 269 3.36 -32.21 -0.62
CA GLU A 269 2.79 -33.15 -1.57
C GLU A 269 1.39 -32.72 -2.00
N GLU A 270 0.63 -32.12 -1.09
CA GLU A 270 -0.75 -31.72 -1.40
C GLU A 270 -0.79 -30.57 -2.40
N ALA A 271 0.01 -29.54 -2.16
CA ALA A 271 0.02 -28.39 -3.06
C ALA A 271 0.48 -28.77 -4.47
N GLU A 272 1.38 -29.74 -4.58
CA GLU A 272 1.88 -30.14 -5.90
C GLU A 272 0.85 -30.95 -6.67
N LYS A 273 -0.04 -31.68 -5.99
CA LYS A 273 -1.09 -32.42 -6.67
C LYS A 273 -2.02 -31.52 -7.45
N ASN A 274 -2.11 -30.24 -7.08
CA ASN A 274 -2.86 -29.24 -7.83
C ASN A 274 -1.90 -28.42 -8.67
N ALA A 275 -2.41 -27.87 -9.78
CA ALA A 275 -1.54 -27.23 -10.75
C ALA A 275 -1.08 -25.85 -10.28
N PRO A 276 -1.97 -24.93 -9.86
CA PRO A 276 -1.47 -23.65 -9.33
C PRO A 276 -1.28 -23.69 -7.82
N SER A 277 -0.03 -23.71 -7.37
CA SER A 277 0.29 -23.90 -5.96
C SER A 277 0.96 -22.65 -5.41
N ILE A 278 0.39 -22.10 -4.34
CA ILE A 278 0.98 -20.99 -3.60
C ILE A 278 1.07 -21.42 -2.15
N ILE A 279 2.30 -21.62 -1.67
CA ILE A 279 2.54 -22.09 -0.30
C ILE A 279 3.03 -20.91 0.52
N PHE A 280 2.26 -20.55 1.55
CA PHE A 280 2.62 -19.46 2.45
C PHE A 280 3.19 -20.07 3.72
N ILE A 281 4.49 -19.89 3.93
CA ILE A 281 5.15 -20.37 5.15
C ILE A 281 5.10 -19.21 6.15
N ASP A 282 3.96 -19.10 6.82
CA ASP A 282 3.79 -18.04 7.81
C ASP A 282 4.63 -18.34 9.04
N GLU A 283 5.22 -17.28 9.61
CA GLU A 283 6.07 -17.39 10.80
C GLU A 283 7.25 -18.33 10.55
N ILE A 284 7.94 -18.12 9.42
CA ILE A 284 9.16 -18.87 9.13
C ILE A 284 10.30 -18.47 10.07
N ASP A 285 10.14 -17.34 10.79
CA ASP A 285 11.09 -17.01 11.84
C ASP A 285 11.06 -18.05 12.95
N SER A 286 9.88 -18.60 13.23
CA SER A 286 9.76 -19.63 14.26
C SER A 286 10.29 -20.98 13.79
N ILE A 287 10.19 -21.28 12.50
CA ILE A 287 10.68 -22.56 11.99
C ILE A 287 12.19 -22.53 11.78
N ALA A 288 12.68 -21.52 11.04
CA ALA A 288 14.10 -21.39 10.76
C ALA A 288 14.69 -20.29 11.65
N PRO A 289 15.41 -20.64 12.71
CA PRO A 289 16.00 -19.64 13.62
C PRO A 289 17.44 -19.27 13.25
N LYS A 290 17.63 -18.82 12.02
CA LYS A 290 18.94 -18.50 11.47
C LYS A 290 19.85 -19.72 11.60
N ARG A 291 21.13 -19.49 11.88
CA ARG A 291 22.09 -20.56 12.13
C ARG A 291 22.16 -20.78 13.64
N GLU A 292 21.20 -21.57 14.13
CA GLU A 292 21.05 -21.81 15.57
C GLU A 292 21.93 -23.00 15.95
N LYS A 293 23.13 -22.71 16.44
CA LYS A 293 24.03 -23.76 16.91
C LYS A 293 23.68 -24.24 18.31
N THR A 294 22.85 -23.51 19.04
CA THR A 294 22.39 -23.90 20.37
C THR A 294 20.87 -24.00 20.32
N ASN A 295 20.36 -25.22 20.22
CA ASN A 295 18.93 -25.46 20.07
C ASN A 295 18.68 -26.96 20.27
N GLY A 296 17.47 -27.40 19.90
CA GLY A 296 17.09 -28.79 20.02
C GLY A 296 17.16 -29.53 18.68
N GLU A 297 16.95 -30.84 18.75
CA GLU A 297 17.08 -31.69 17.58
C GLU A 297 15.93 -31.53 16.60
N VAL A 298 14.84 -30.85 16.97
CA VAL A 298 13.69 -30.75 16.09
C VAL A 298 13.87 -29.60 15.09
N GLU A 299 14.42 -28.47 15.52
CA GLU A 299 14.70 -27.39 14.57
C GLU A 299 15.82 -27.76 13.61
N ARG A 300 16.71 -28.67 14.00
CA ARG A 300 17.76 -29.15 13.14
C ARG A 300 17.26 -30.21 12.15
N ARG A 301 15.98 -30.57 12.22
CA ARG A 301 15.36 -31.44 11.23
C ARG A 301 14.15 -30.84 10.55
N ILE A 302 13.45 -29.89 11.18
CA ILE A 302 12.33 -29.25 10.52
C ILE A 302 12.82 -28.30 9.44
N VAL A 303 14.00 -27.71 9.63
CA VAL A 303 14.63 -26.95 8.56
C VAL A 303 15.43 -27.88 7.64
N SER A 304 15.89 -29.02 8.16
CA SER A 304 16.59 -29.99 7.33
C SER A 304 15.65 -30.77 6.43
N GLN A 305 14.36 -30.83 6.76
CA GLN A 305 13.37 -31.43 5.88
C GLN A 305 12.74 -30.43 4.93
N LEU A 306 13.03 -29.14 5.09
CA LEU A 306 12.45 -28.11 4.24
C LEU A 306 13.31 -27.85 3.01
N LEU A 307 14.62 -27.73 3.20
CA LEU A 307 15.52 -27.44 2.08
C LEU A 307 15.56 -28.61 1.10
N THR A 308 15.65 -29.84 1.62
CA THR A 308 15.64 -31.01 0.74
C THR A 308 14.30 -31.20 0.06
N LEU A 309 13.24 -30.63 0.61
CA LEU A 309 11.90 -30.74 0.05
C LEU A 309 11.59 -29.65 -0.96
N MET A 310 12.53 -28.73 -1.20
CA MET A 310 12.35 -27.65 -2.16
C MET A 310 13.36 -27.62 -3.28
N ASP A 311 14.55 -28.19 -3.09
CA ASP A 311 15.52 -28.27 -4.17
C ASP A 311 15.31 -29.51 -5.04
N GLY A 312 14.86 -30.61 -4.45
CA GLY A 312 14.48 -31.78 -5.21
C GLY A 312 13.09 -31.60 -5.79
N LEU A 313 12.12 -31.26 -4.93
CA LEU A 313 10.79 -30.89 -5.38
C LEU A 313 10.82 -29.44 -5.88
N LYS A 314 9.64 -28.87 -6.14
CA LYS A 314 9.51 -27.46 -6.52
C LYS A 314 10.41 -27.12 -7.71
N SER A 315 10.43 -28.02 -8.70
CA SER A 315 11.28 -27.88 -9.88
C SER A 315 10.40 -28.05 -11.11
N ARG A 316 9.94 -26.93 -11.67
CA ARG A 316 9.10 -26.89 -12.88
C ARG A 316 7.77 -27.61 -12.70
N ALA A 317 7.40 -27.97 -11.48
CA ALA A 317 6.13 -28.62 -11.20
C ALA A 317 5.02 -27.62 -10.94
N HIS A 318 5.20 -26.36 -11.34
CA HIS A 318 4.22 -25.30 -11.15
C HIS A 318 3.88 -25.13 -9.66
N VAL A 319 4.91 -24.82 -8.88
CA VAL A 319 4.78 -24.60 -7.44
C VAL A 319 5.58 -23.36 -7.08
N ILE A 320 4.92 -22.35 -6.53
CA ILE A 320 5.56 -21.11 -6.10
C ILE A 320 5.45 -21.04 -4.58
N VAL A 321 6.57 -21.22 -3.90
CA VAL A 321 6.60 -21.16 -2.45
C VAL A 321 6.81 -19.71 -2.01
N MET A 322 6.21 -19.34 -0.88
CA MET A 322 6.27 -17.97 -0.38
C MET A 322 6.55 -18.00 1.11
N GLY A 323 7.73 -17.49 1.49
CA GLY A 323 8.06 -17.37 2.89
C GLY A 323 7.62 -16.04 3.47
N ALA A 324 7.51 -16.01 4.80
CA ALA A 324 7.06 -14.81 5.50
C ALA A 324 7.77 -14.73 6.84
N THR A 325 8.54 -13.66 7.03
CA THR A 325 9.29 -13.45 8.27
C THR A 325 9.22 -12.00 8.67
N ASN A 326 9.51 -11.75 9.96
CA ASN A 326 9.54 -10.37 10.45
C ASN A 326 10.80 -9.67 9.98
N ARG A 327 11.93 -10.38 9.90
CA ARG A 327 13.19 -9.82 9.44
C ARG A 327 13.89 -10.81 8.52
N PRO A 328 14.44 -10.34 7.40
CA PRO A 328 15.16 -11.25 6.49
C PRO A 328 16.59 -11.53 6.96
N ASN A 329 16.80 -11.52 8.28
CA ASN A 329 18.11 -11.82 8.84
C ASN A 329 18.00 -12.70 10.08
N SER A 330 16.86 -13.35 10.30
CA SER A 330 16.68 -14.28 11.40
C SER A 330 16.40 -15.69 10.92
N ILE A 331 16.60 -15.96 9.64
CA ILE A 331 16.38 -17.29 9.07
C ILE A 331 17.68 -17.77 8.43
N ASP A 332 17.76 -19.08 8.22
CA ASP A 332 19.00 -19.70 7.78
C ASP A 332 19.47 -19.10 6.46
N PRO A 333 20.78 -18.91 6.27
CA PRO A 333 21.26 -18.42 4.97
C PRO A 333 21.08 -19.40 3.85
N ALA A 334 21.01 -20.70 4.16
CA ALA A 334 20.76 -21.71 3.14
C ALA A 334 19.34 -21.66 2.60
N LEU A 335 18.48 -20.82 3.16
CA LEU A 335 17.13 -20.65 2.61
C LEU A 335 17.17 -19.84 1.33
N ARG A 336 17.88 -18.72 1.33
CA ARG A 336 18.01 -17.88 0.14
C ARG A 336 19.28 -18.29 -0.61
N ARG A 337 19.10 -18.93 -1.77
CA ARG A 337 20.23 -19.37 -2.59
CA ARG A 337 20.23 -19.37 -2.59
C ARG A 337 19.84 -19.40 -4.06
N PHE A 338 19.69 -20.60 -4.60
CA PHE A 338 19.34 -20.81 -6.00
C PHE A 338 18.11 -21.68 -6.07
N GLY A 339 17.03 -21.16 -6.63
CA GLY A 339 15.80 -21.92 -6.74
C GLY A 339 14.95 -21.74 -5.51
N ARG A 340 15.58 -21.77 -4.34
CA ARG A 340 14.90 -21.55 -3.06
C ARG A 340 15.11 -20.10 -2.63
N PHE A 341 14.05 -19.32 -2.65
CA PHE A 341 14.03 -17.96 -2.08
C PHE A 341 15.14 -17.10 -2.66
N ASP A 342 15.40 -17.25 -3.97
CA ASP A 342 16.28 -16.32 -4.66
C ASP A 342 15.58 -15.00 -4.96
N ARG A 343 14.27 -14.93 -4.80
CA ARG A 343 13.51 -13.68 -4.91
C ARG A 343 13.23 -13.14 -3.52
N GLU A 344 13.30 -11.81 -3.38
CA GLU A 344 13.00 -11.17 -2.11
C GLU A 344 12.20 -9.89 -2.36
N ILE A 345 11.32 -9.58 -1.41
CA ILE A 345 10.33 -8.52 -1.59
C ILE A 345 10.28 -7.67 -0.33
N ASP A 346 10.37 -6.35 -0.51
CA ASP A 346 10.30 -5.41 0.60
C ASP A 346 8.87 -4.95 0.84
N ILE A 347 8.44 -5.02 2.09
CA ILE A 347 7.17 -4.44 2.51
C ILE A 347 7.50 -3.38 3.56
N GLY A 348 7.51 -2.12 3.14
CA GLY A 348 7.81 -1.02 4.03
C GLY A 348 6.55 -0.40 4.62
N VAL A 349 6.78 0.43 5.63
CA VAL A 349 5.66 1.17 6.24
C VAL A 349 5.04 2.08 5.17
N PRO A 350 3.72 2.12 5.04
CA PRO A 350 3.12 2.94 3.99
C PRO A 350 3.44 4.43 4.17
N ASP A 351 3.82 5.07 3.07
CA ASP A 351 4.03 6.51 3.08
C ASP A 351 2.69 7.22 3.21
N GLU A 352 2.74 8.56 3.32
CA GLU A 352 1.51 9.33 3.49
C GLU A 352 0.52 9.10 2.36
N ILE A 353 1.02 8.81 1.15
CA ILE A 353 0.12 8.51 0.04
C ILE A 353 -0.44 7.10 0.18
N GLY A 354 0.38 6.15 0.61
CA GLY A 354 -0.08 4.78 0.74
C GLY A 354 -0.99 4.57 1.93
N ARG A 355 -0.84 5.37 2.98
CA ARG A 355 -1.73 5.26 4.13
C ARG A 355 -3.15 5.65 3.77
N LEU A 356 -3.33 6.53 2.77
CA LEU A 356 -4.66 7.02 2.46
C LEU A 356 -5.46 5.96 1.72
N GLU A 357 -4.81 5.20 0.83
CA GLU A 357 -5.51 4.18 0.06
C GLU A 357 -6.02 3.07 0.97
N VAL A 358 -5.18 2.60 1.89
CA VAL A 358 -5.60 1.56 2.82
C VAL A 358 -6.67 2.08 3.77
N LEU A 359 -6.61 3.37 4.13
CA LEU A 359 -7.70 3.96 4.91
C LEU A 359 -9.01 3.91 4.14
N ARG A 360 -8.97 4.24 2.84
CA ARG A 360 -10.18 4.18 2.02
C ARG A 360 -10.75 2.76 2.00
N ILE A 361 -9.90 1.77 1.75
CA ILE A 361 -10.36 0.39 1.56
C ILE A 361 -11.16 -0.07 2.76
N HIS A 362 -10.58 0.07 3.96
CA HIS A 362 -11.25 -0.41 5.16
C HIS A 362 -12.44 0.46 5.54
N THR A 363 -12.40 1.75 5.23
CA THR A 363 -13.49 2.66 5.53
C THR A 363 -14.41 2.82 4.31
N LYS A 364 -14.97 1.70 3.88
CA LYS A 364 -15.92 1.67 2.77
C LYS A 364 -17.29 1.17 3.19
N ASN A 365 -17.35 0.08 3.97
CA ASN A 365 -18.62 -0.43 4.46
C ASN A 365 -19.30 0.55 5.42
N MET A 366 -18.55 1.52 5.92
CA MET A 366 -19.10 2.53 6.81
C MET A 366 -19.75 3.66 6.02
N LYS A 367 -20.60 4.41 6.70
CA LYS A 367 -21.16 5.66 6.20
C LYS A 367 -20.57 6.79 7.04
N LEU A 368 -19.75 7.63 6.42
CA LEU A 368 -19.01 8.67 7.12
C LEU A 368 -19.71 10.02 6.97
N ALA A 369 -19.03 11.08 7.38
CA ALA A 369 -19.55 12.43 7.30
C ALA A 369 -18.57 13.31 6.51
N GLU A 370 -19.09 14.45 6.03
CA GLU A 370 -18.29 15.35 5.22
C GLU A 370 -17.26 16.14 6.02
N ASP A 371 -17.45 16.25 7.35
CA ASP A 371 -16.40 16.85 8.18
C ASP A 371 -15.22 15.90 8.33
N VAL A 372 -15.41 14.62 8.05
CA VAL A 372 -14.32 13.65 8.08
C VAL A 372 -13.44 13.86 6.85
N ASP A 373 -12.19 14.26 7.07
CA ASP A 373 -11.22 14.47 6.00
C ASP A 373 -10.08 13.49 6.21
N LEU A 374 -10.27 12.26 5.72
CA LEU A 374 -9.27 11.21 5.89
C LEU A 374 -7.90 11.59 5.34
N GLU A 375 -7.83 12.65 4.52
CA GLU A 375 -6.55 13.13 4.02
C GLU A 375 -5.69 13.68 5.15
N ARG A 376 -6.28 14.46 6.06
CA ARG A 376 -5.53 15.02 7.16
C ARG A 376 -5.05 13.93 8.12
N ILE A 377 -5.89 12.91 8.35
CA ILE A 377 -5.45 11.78 9.14
C ILE A 377 -4.36 11.00 8.43
N SER A 378 -4.43 10.94 7.09
CA SER A 378 -3.44 10.17 6.34
C SER A 378 -2.03 10.76 6.44
N LYS A 379 -1.89 12.00 6.89
CA LYS A 379 -0.57 12.60 7.04
C LYS A 379 0.08 12.20 8.36
N ASP A 380 -0.57 12.52 9.48
CA ASP A 380 0.00 12.27 10.79
C ASP A 380 -0.24 10.83 11.26
N THR A 381 0.15 9.86 10.43
CA THR A 381 0.05 8.45 10.77
C THR A 381 1.31 7.71 10.42
N HIS A 382 2.47 8.32 10.69
CA HIS A 382 3.73 7.61 10.55
C HIS A 382 3.93 6.68 11.74
N GLY A 383 4.62 5.57 11.49
CA GLY A 383 4.70 4.51 12.47
C GLY A 383 3.46 3.65 12.57
N TYR A 384 2.48 3.87 11.70
CA TYR A 384 1.24 3.11 11.67
C TYR A 384 1.28 2.18 10.47
N VAL A 385 1.17 0.87 10.73
CA VAL A 385 1.14 -0.11 9.66
C VAL A 385 -0.31 -0.46 9.35
N GLY A 386 -0.53 -1.32 8.35
CA GLY A 386 -1.89 -1.66 7.97
C GLY A 386 -2.70 -2.27 9.10
N ALA A 387 -2.02 -2.90 10.06
CA ALA A 387 -2.71 -3.42 11.23
C ALA A 387 -3.26 -2.28 12.09
N ASP A 388 -2.40 -1.35 12.48
CA ASP A 388 -2.84 -0.22 13.28
C ASP A 388 -3.79 0.68 12.51
N LEU A 389 -3.61 0.78 11.19
CA LEU A 389 -4.57 1.51 10.37
C LEU A 389 -5.92 0.80 10.34
N ALA A 390 -5.92 -0.52 10.54
CA ALA A 390 -7.16 -1.26 10.73
C ALA A 390 -7.55 -1.38 12.20
N ALA A 391 -6.58 -1.25 13.11
CA ALA A 391 -6.91 -1.35 14.53
C ALA A 391 -7.74 -0.16 15.00
N LEU A 392 -7.43 1.04 14.51
CA LEU A 392 -8.23 2.20 14.87
C LEU A 392 -9.54 2.25 14.08
N CYS A 393 -9.56 1.65 12.88
CA CYS A 393 -10.81 1.54 12.13
C CYS A 393 -11.84 0.73 12.90
N THR A 394 -11.40 -0.20 13.73
CA THR A 394 -12.31 -0.90 14.62
C THR A 394 -12.73 -0.01 15.79
N GLU A 395 -11.77 0.63 16.46
CA GLU A 395 -12.10 1.51 17.58
C GLU A 395 -12.83 2.77 17.14
N ALA A 396 -12.78 3.12 15.85
CA ALA A 396 -13.57 4.22 15.31
C ALA A 396 -14.98 3.80 14.95
N ALA A 397 -15.18 2.56 14.51
CA ALA A 397 -16.51 2.05 14.24
C ALA A 397 -17.21 1.59 15.52
N LEU A 398 -16.45 1.08 16.48
CA LEU A 398 -17.04 0.61 17.72
C LEU A 398 -17.37 1.74 18.67
N GLN A 399 -16.65 2.87 18.58
CA GLN A 399 -17.00 4.04 19.38
C GLN A 399 -18.36 4.61 18.97
N CYS A 400 -18.72 4.47 17.69
CA CYS A 400 -20.03 4.92 17.23
C CYS A 400 -21.15 4.03 17.73
N ILE A 401 -20.84 2.83 18.23
CA ILE A 401 -21.87 1.91 18.68
C ILE A 401 -22.39 2.29 20.05
N ARG A 402 -21.49 2.46 21.03
CA ARG A 402 -21.92 2.83 22.37
C ARG A 402 -22.47 4.25 22.40
N GLU A 403 -21.81 5.17 21.69
CA GLU A 403 -22.21 6.57 21.72
C GLU A 403 -23.63 6.79 21.18
N LYS A 404 -24.17 5.82 20.44
CA LYS A 404 -25.49 5.95 19.84
C LYS A 404 -26.30 4.67 20.13
N MET A 405 -26.43 4.35 21.42
CA MET A 405 -27.27 3.24 21.86
C MET A 405 -28.64 3.79 22.24
N ASP A 406 -28.73 4.40 23.43
CA ASP A 406 -29.92 5.13 23.87
C ASP A 406 -31.21 4.31 23.79
N VAL A 407 -32.10 4.72 22.88
CA VAL A 407 -33.46 4.19 22.86
C VAL A 407 -33.45 2.68 22.58
N ILE A 408 -32.63 2.25 21.62
CA ILE A 408 -32.63 0.85 21.21
C ILE A 408 -32.27 -0.02 22.42
N ASP A 409 -33.16 -0.95 22.76
CA ASP A 409 -32.99 -1.78 23.94
C ASP A 409 -33.59 -3.15 23.64
N LEU A 410 -33.28 -4.10 24.51
CA LEU A 410 -33.71 -5.49 24.35
C LEU A 410 -33.33 -6.01 22.96
N GLU A 411 -32.04 -5.90 22.64
CA GLU A 411 -31.55 -6.29 21.33
C GLU A 411 -31.86 -7.76 21.05
N ASP A 412 -32.57 -8.01 19.97
CA ASP A 412 -32.88 -9.37 19.56
C ASP A 412 -31.62 -10.02 18.98
N ASP A 413 -31.68 -11.34 18.80
CA ASP A 413 -30.57 -12.06 18.19
C ASP A 413 -30.22 -11.50 16.82
N SER A 414 -31.23 -11.21 16.01
CA SER A 414 -31.05 -10.56 14.72
C SER A 414 -31.71 -9.18 14.77
N ILE A 415 -31.13 -8.29 15.58
CA ILE A 415 -31.71 -6.97 15.81
C ILE A 415 -31.23 -5.95 14.80
N ASP A 416 -30.14 -6.22 14.10
CA ASP A 416 -29.60 -5.26 13.13
C ASP A 416 -30.61 -4.98 12.03
N ALA A 417 -30.62 -3.73 11.56
CA ALA A 417 -31.59 -3.32 10.55
C ALA A 417 -31.04 -2.10 9.81
N GLU A 418 -31.92 -1.22 9.36
CA GLU A 418 -31.53 0.04 8.74
C GLU A 418 -30.80 0.97 9.71
N ILE A 419 -30.88 0.72 11.01
CA ILE A 419 -30.08 1.46 11.97
C ILE A 419 -28.60 1.18 11.78
N LEU A 420 -28.27 -0.01 11.29
CA LEU A 420 -26.86 -0.36 11.07
C LEU A 420 -26.28 0.45 9.91
N ASN A 421 -26.98 0.49 8.79
CA ASN A 421 -26.59 1.40 7.74
C ASN A 421 -26.95 2.83 8.13
N SER A 422 -26.46 3.79 7.37
CA SER A 422 -26.57 5.21 7.67
C SER A 422 -25.99 5.57 9.03
N MET A 423 -25.24 4.66 9.65
CA MET A 423 -24.59 4.91 10.93
C MET A 423 -23.44 5.88 10.73
N ALA A 424 -23.73 7.18 10.77
CA ALA A 424 -22.73 8.20 10.51
C ALA A 424 -21.62 8.14 11.57
N VAL A 425 -20.39 7.97 11.11
CA VAL A 425 -19.22 7.90 11.99
C VAL A 425 -18.59 9.27 12.00
N THR A 426 -18.76 10.00 13.10
CA THR A 426 -18.21 11.34 13.24
C THR A 426 -16.68 11.28 13.28
N ASN A 427 -16.07 12.44 13.07
CA ASN A 427 -14.62 12.54 13.19
C ASN A 427 -14.16 12.39 14.63
N GLU A 428 -15.04 12.68 15.59
CA GLU A 428 -14.68 12.51 17.00
C GLU A 428 -14.49 11.04 17.35
N HIS A 429 -15.16 10.14 16.64
CA HIS A 429 -14.91 8.71 16.85
C HIS A 429 -13.51 8.33 16.40
N PHE A 430 -12.94 9.06 15.44
CA PHE A 430 -11.53 8.90 15.14
C PHE A 430 -10.67 9.53 16.23
N HIS A 431 -10.93 10.80 16.54
CA HIS A 431 -10.05 11.56 17.42
C HIS A 431 -10.03 10.98 18.83
N THR A 432 -11.20 10.59 19.36
CA THR A 432 -11.24 10.00 20.69
C THR A 432 -10.58 8.62 20.71
N ALA A 433 -10.74 7.85 19.63
CA ALA A 433 -10.04 6.58 19.52
C ALA A 433 -8.57 6.80 19.21
N LEU A 434 -8.25 7.78 18.36
CA LEU A 434 -6.86 8.16 18.15
C LEU A 434 -6.29 8.92 19.34
N GLY A 435 -7.14 9.37 20.27
CA GLY A 435 -6.63 9.91 21.52
C GLY A 435 -5.85 8.85 22.30
N ASN A 436 -6.33 7.62 22.28
CA ASN A 436 -5.58 6.47 22.78
C ASN A 436 -4.71 5.88 21.68
N SER A 437 -3.92 6.74 21.03
CA SER A 437 -3.09 6.31 19.91
C SER A 437 -2.03 5.31 20.37
N ASN A 438 -1.67 4.40 19.47
CA ASN A 438 -0.69 3.36 19.76
C ASN A 438 -0.14 2.87 18.43
N PRO A 439 0.99 3.43 17.99
CA PRO A 439 1.63 2.92 16.78
C PRO A 439 2.49 1.69 17.06
N SER A 440 3.28 1.25 16.07
CA SER A 440 4.08 0.05 16.24
C SER A 440 5.48 0.22 15.66
N ALA A 441 5.58 0.62 14.40
CA ALA A 441 6.87 0.67 13.70
C ALA A 441 7.48 2.05 13.86
N LEU A 442 8.25 2.23 14.93
CA LEU A 442 8.92 3.49 15.19
C LEU A 442 10.44 3.44 15.01
N ARG A 443 11.07 2.31 15.31
CA ARG A 443 12.51 2.14 15.16
C ARG A 443 12.90 1.63 13.78
N GLU A 444 12.06 1.83 12.78
CA GLU A 444 12.27 1.27 11.45
C GLU A 444 12.94 2.28 10.52
N THR A 445 13.52 1.76 9.44
CA THR A 445 14.06 2.59 8.37
C THR A 445 12.93 2.86 7.40
N VAL A 446 12.39 4.06 7.43
CA VAL A 446 11.17 4.39 6.69
C VAL A 446 11.53 4.71 5.24
N VAL A 447 10.77 4.11 4.31
CA VAL A 447 10.83 4.45 2.89
C VAL A 447 9.54 5.19 2.54
N GLU A 448 9.68 6.32 1.86
CA GLU A 448 8.53 7.18 1.58
C GLU A 448 8.92 8.16 0.48
N VAL A 449 8.02 9.11 0.21
CA VAL A 449 8.20 10.09 -0.86
C VAL A 449 8.05 11.49 -0.27
N PRO A 450 8.90 12.45 -0.64
CA PRO A 450 8.79 13.79 -0.06
C PRO A 450 7.60 14.56 -0.65
N ASN A 451 6.82 15.18 0.24
CA ASN A 451 5.71 16.01 -0.19
C ASN A 451 5.91 17.44 0.30
N VAL A 452 6.98 18.08 -0.17
CA VAL A 452 7.30 19.46 0.19
C VAL A 452 7.55 20.23 -1.11
N SER A 453 7.06 21.47 -1.15
CA SER A 453 7.18 22.28 -2.35
C SER A 453 8.53 22.97 -2.42
N TRP A 454 9.06 23.08 -3.62
CA TRP A 454 10.32 23.78 -3.87
C TRP A 454 10.20 25.29 -3.75
N ASN A 455 8.99 25.82 -3.55
CA ASN A 455 8.81 27.27 -3.46
C ASN A 455 9.33 27.82 -2.13
N ASP A 456 9.30 27.02 -1.08
CA ASP A 456 9.71 27.46 0.26
C ASP A 456 11.20 27.25 0.48
N ILE A 457 12.04 27.75 -0.43
CA ILE A 457 13.48 27.53 -0.33
C ILE A 457 14.20 28.86 -0.23
N GLY A 458 14.04 29.71 -1.24
CA GLY A 458 14.80 30.95 -1.32
C GLY A 458 16.29 30.73 -1.20
N GLY A 459 16.90 30.12 -2.22
CA GLY A 459 18.29 29.71 -2.19
C GLY A 459 19.22 30.68 -2.86
N LEU A 460 20.37 30.16 -3.29
CA LEU A 460 21.43 30.96 -3.90
C LEU A 460 21.86 30.34 -5.23
N GLU A 461 20.89 30.22 -6.15
CA GLU A 461 21.09 29.67 -7.49
C GLU A 461 21.79 28.30 -7.43
N ASN A 462 21.05 27.33 -6.90
CA ASN A 462 21.51 25.95 -6.94
C ASN A 462 21.56 25.50 -8.39
N VAL A 463 22.77 25.27 -8.91
CA VAL A 463 22.93 24.95 -10.32
C VAL A 463 22.14 23.69 -10.63
N LYS A 464 21.20 23.80 -11.57
CA LYS A 464 20.38 22.66 -11.97
C LYS A 464 21.21 21.52 -12.53
N ARG A 465 22.44 21.79 -12.96
CA ARG A 465 23.27 20.77 -13.59
C ARG A 465 23.78 19.72 -12.60
N GLU A 466 23.38 19.80 -11.34
CA GLU A 466 23.67 18.76 -10.35
C GLU A 466 22.58 17.70 -10.36
N LEU A 467 22.20 17.29 -11.56
CA LEU A 467 21.11 16.33 -11.76
C LEU A 467 21.30 15.67 -13.12
N GLN A 468 20.63 14.53 -13.29
CA GLN A 468 20.83 13.71 -14.48
C GLN A 468 19.65 12.76 -14.63
N GLU A 469 19.38 12.40 -15.88
CA GLU A 469 18.21 11.59 -16.23
C GLU A 469 18.58 10.13 -16.50
N THR A 470 19.73 9.67 -16.03
CA THR A 470 20.21 8.31 -16.29
C THR A 470 20.27 8.02 -17.78
N VAL A 471 20.64 9.03 -18.57
CA VAL A 471 20.79 8.92 -20.02
C VAL A 471 22.15 9.52 -20.36
N GLN A 472 23.13 8.67 -20.62
CA GLN A 472 24.48 9.14 -20.90
C GLN A 472 25.21 8.04 -21.67
N TYR A 473 26.27 8.44 -22.37
CA TYR A 473 26.98 7.53 -23.26
C TYR A 473 28.49 7.58 -23.03
N SER A 487 31.01 6.48 -13.84
CA SER A 487 31.67 7.67 -14.34
C SER A 487 31.19 8.97 -13.69
N PRO A 488 29.87 9.22 -13.63
CA PRO A 488 29.41 10.48 -13.01
C PRO A 488 29.71 10.51 -11.52
N SER A 489 29.93 11.72 -11.02
CA SER A 489 30.19 11.91 -9.60
C SER A 489 28.96 11.52 -8.79
N LYS A 490 29.20 10.94 -7.61
CA LYS A 490 28.10 10.42 -6.79
C LYS A 490 28.24 10.75 -5.31
N GLY A 491 29.12 11.66 -4.92
CA GLY A 491 29.26 12.02 -3.52
C GLY A 491 29.24 13.52 -3.29
N VAL A 492 28.28 14.01 -2.50
CA VAL A 492 28.18 15.43 -2.18
C VAL A 492 27.88 15.56 -0.69
N LEU A 493 28.38 16.65 -0.10
CA LEU A 493 28.11 16.99 1.29
C LEU A 493 27.61 18.41 1.38
N PHE A 494 26.69 18.65 2.32
CA PHE A 494 26.06 19.95 2.52
C PHE A 494 26.44 20.46 3.90
N TYR A 495 27.28 21.49 3.95
CA TYR A 495 27.76 22.03 5.21
C TYR A 495 27.44 23.53 5.29
N GLY A 496 27.95 24.17 6.34
CA GLY A 496 27.71 25.57 6.56
C GLY A 496 27.10 25.82 7.93
N PRO A 497 26.48 27.00 8.09
CA PRO A 497 25.81 27.30 9.37
C PRO A 497 24.60 26.40 9.56
N PRO A 498 24.06 26.32 10.78
CA PRO A 498 22.84 25.53 10.99
C PRO A 498 21.59 26.36 10.76
N GLY A 499 20.59 25.71 10.16
CA GLY A 499 19.32 26.33 9.90
C GLY A 499 19.16 26.86 8.49
N CYS A 500 20.26 27.19 7.81
CA CYS A 500 20.19 27.75 6.46
C CYS A 500 19.45 26.83 5.49
N GLY A 501 19.33 25.54 5.82
CA GLY A 501 18.54 24.64 5.02
C GLY A 501 19.11 23.24 4.87
N LYS A 502 20.21 22.95 5.59
CA LYS A 502 20.95 21.72 5.37
C LYS A 502 20.10 20.48 5.58
N THR A 503 19.09 20.56 6.46
CA THR A 503 18.23 19.39 6.69
C THR A 503 17.16 19.27 5.61
N LEU A 504 16.47 20.36 5.31
CA LEU A 504 15.39 20.34 4.33
C LEU A 504 15.90 20.51 2.90
N LEU A 505 17.20 20.59 2.68
CA LEU A 505 17.72 20.87 1.35
C LEU A 505 17.47 19.71 0.40
N ALA A 506 17.93 18.52 0.78
CA ALA A 506 17.77 17.35 -0.08
C ALA A 506 16.34 16.84 -0.15
N LYS A 507 15.44 17.36 0.71
CA LYS A 507 14.06 16.89 0.70
C LYS A 507 13.33 17.34 -0.56
N ALA A 508 13.48 18.61 -0.93
CA ALA A 508 12.83 19.15 -2.11
C ALA A 508 13.47 18.69 -3.42
N ILE A 509 14.67 18.12 -3.36
CA ILE A 509 15.32 17.64 -4.58
C ILE A 509 14.60 16.42 -5.11
N ALA A 510 14.30 15.45 -4.24
CA ALA A 510 13.55 14.26 -4.64
C ALA A 510 12.11 14.57 -4.99
N ASN A 511 11.62 15.78 -4.68
CA ASN A 511 10.27 16.16 -5.07
C ASN A 511 10.13 16.21 -6.59
N GLU A 512 11.17 16.69 -7.28
CA GLU A 512 11.17 16.70 -8.74
C GLU A 512 11.81 15.45 -9.33
N CYS A 513 12.75 14.83 -8.60
CA CYS A 513 13.39 13.61 -9.06
C CYS A 513 12.49 12.39 -8.91
N GLN A 514 11.49 12.45 -8.04
CA GLN A 514 10.54 11.36 -7.81
C GLN A 514 11.27 10.09 -7.38
N ALA A 515 11.95 10.18 -6.24
CA ALA A 515 12.70 9.07 -5.69
C ALA A 515 12.53 9.04 -4.17
N ASN A 516 12.58 7.84 -3.61
CA ASN A 516 12.46 7.68 -2.17
C ASN A 516 13.69 8.23 -1.47
N PHE A 517 13.54 8.48 -0.17
CA PHE A 517 14.60 9.05 0.64
C PHE A 517 14.66 8.32 1.98
N ILE A 518 15.82 8.41 2.63
CA ILE A 518 16.04 7.81 3.94
C ILE A 518 16.80 8.81 4.78
N SER A 519 16.15 9.38 5.79
CA SER A 519 16.78 10.34 6.69
C SER A 519 17.42 9.58 7.85
N VAL A 520 18.74 9.71 7.97
CA VAL A 520 19.51 9.03 9.01
C VAL A 520 20.31 10.07 9.78
N LYS A 521 20.36 9.91 11.10
CA LYS A 521 21.13 10.78 11.98
C LYS A 521 22.36 10.03 12.51
N GLY A 522 23.28 10.81 13.09
CA GLY A 522 24.49 10.27 13.65
C GLY A 522 24.27 9.23 14.72
N PRO A 523 23.65 9.63 15.85
CA PRO A 523 23.39 8.65 16.91
C PRO A 523 22.43 7.55 16.52
N GLU A 524 21.69 7.70 15.42
CA GLU A 524 20.88 6.59 14.92
C GLU A 524 21.76 5.41 14.53
N LEU A 525 22.91 5.70 13.93
CA LEU A 525 23.88 4.64 13.63
C LEU A 525 24.57 4.13 14.88
N LEU A 526 24.50 4.88 15.99
CA LEU A 526 25.07 4.45 17.26
C LEU A 526 24.10 3.51 17.98
N THR A 527 23.26 2.82 17.21
CA THR A 527 22.33 1.86 17.77
C THR A 527 23.09 0.75 18.48
N MET A 528 22.57 0.32 19.63
CA MET A 528 23.16 -0.80 20.35
C MET A 528 23.26 -2.04 19.47
N TRP A 529 22.38 -2.16 18.48
CA TRP A 529 22.43 -3.28 17.55
C TRP A 529 23.48 -3.00 16.47
N PHE A 530 24.71 -2.72 16.91
CA PHE A 530 25.86 -2.59 16.03
C PHE A 530 26.62 -3.90 15.90
N GLY A 531 26.01 -5.01 16.30
CA GLY A 531 26.61 -6.32 16.15
C GLY A 531 25.66 -7.30 15.48
N SER A 533 28.70 -7.52 10.66
CA SER A 533 28.73 -6.57 9.56
C SER A 533 27.33 -6.05 9.20
N GLU A 534 26.34 -6.94 9.20
CA GLU A 534 24.94 -6.60 8.89
C GLU A 534 24.25 -5.97 10.10
N ALA A 535 24.88 -4.91 10.61
CA ALA A 535 24.28 -4.09 11.63
C ALA A 535 23.21 -3.20 10.99
N ASN A 536 22.49 -2.46 11.82
CA ASN A 536 21.54 -1.49 11.29
C ASN A 536 22.19 -0.59 10.24
N VAL A 537 23.47 -0.26 10.44
CA VAL A 537 24.22 0.48 9.45
C VAL A 537 24.12 -0.18 8.08
N ARG A 538 24.28 -1.50 8.00
CA ARG A 538 24.19 -2.17 6.71
C ARG A 538 22.76 -2.50 6.34
N GLU A 539 21.88 -2.67 7.34
CA GLU A 539 20.46 -2.75 7.05
C GLU A 539 19.97 -1.49 6.37
N ILE A 540 20.43 -0.32 6.83
CA ILE A 540 20.03 0.93 6.20
C ILE A 540 20.63 1.05 4.80
N PHE A 541 21.86 0.58 4.61
CA PHE A 541 22.49 0.63 3.29
C PHE A 541 21.71 -0.21 2.29
N ASP A 542 21.42 -1.46 2.66
CA ASP A 542 20.71 -2.35 1.75
C ASP A 542 19.21 -2.05 1.67
N LYS A 543 18.66 -1.35 2.66
CA LYS A 543 17.25 -0.96 2.58
C LYS A 543 17.03 -0.02 1.41
N ALA A 544 17.98 0.87 1.14
CA ALA A 544 17.93 1.76 0.00
C ALA A 544 18.49 1.14 -1.26
N ARG A 545 18.97 -0.10 -1.20
CA ARG A 545 19.51 -0.76 -2.38
C ARG A 545 18.40 -1.28 -3.29
N GLN A 546 17.35 -1.85 -2.71
CA GLN A 546 16.21 -2.28 -3.51
C GLN A 546 15.47 -1.09 -4.09
N SER A 547 15.22 -0.06 -3.27
CA SER A 547 14.60 1.16 -3.75
C SER A 547 15.51 1.85 -4.75
N ALA A 548 15.11 1.89 -6.01
CA ALA A 548 15.93 2.45 -7.08
C ALA A 548 15.11 3.46 -7.88
N PRO A 549 15.52 4.74 -7.92
CA PRO A 549 16.65 5.26 -7.16
C PRO A 549 16.26 5.71 -5.76
N CYS A 550 17.23 5.85 -4.87
CA CYS A 550 16.98 6.29 -3.51
C CYS A 550 18.12 7.18 -3.05
N VAL A 551 17.77 8.28 -2.39
CA VAL A 551 18.76 9.23 -1.86
C VAL A 551 18.92 8.99 -0.37
N LEU A 552 20.17 8.82 0.06
CA LEU A 552 20.49 8.56 1.46
C LEU A 552 21.04 9.83 2.09
N PHE A 553 20.16 10.56 2.77
CA PHE A 553 20.57 11.76 3.49
C PHE A 553 21.05 11.39 4.89
N PHE A 554 22.10 12.08 5.34
CA PHE A 554 22.73 11.78 6.62
C PHE A 554 23.02 13.11 7.33
N ASP A 555 22.21 13.43 8.33
CA ASP A 555 22.51 14.64 9.14
C ASP A 555 23.28 14.21 10.39
N GLU A 556 23.68 15.16 11.24
CA GLU A 556 24.38 14.84 12.52
C GLU A 556 25.66 14.06 12.24
N LEU A 557 26.29 14.27 11.08
CA LEU A 557 27.52 13.51 10.74
C LEU A 557 28.70 14.12 11.50
N ASP A 558 28.44 15.00 12.46
CA ASP A 558 29.52 15.57 13.23
C ASP A 558 30.04 14.64 14.31
N SER A 559 29.34 13.54 14.58
CA SER A 559 29.80 12.50 15.49
C SER A 559 30.98 11.70 14.96
N ILE A 560 31.69 12.20 13.94
CA ILE A 560 32.80 11.48 13.34
C ILE A 560 34.00 11.43 14.28
N ALA A 561 34.17 12.44 15.13
CA ALA A 561 35.36 12.55 15.95
C ALA A 561 35.17 11.85 17.30
N THR A 562 36.25 11.85 18.09
CA THR A 562 36.24 11.30 19.43
C THR A 562 35.85 12.38 20.44
N GLN A 563 35.06 11.98 21.44
CA GLN A 563 34.62 12.87 22.52
C GLN A 563 34.00 14.17 22.02
N GLY A 574 35.81 0.88 23.40
CA GLY A 574 34.74 0.19 22.70
C GLY A 574 34.69 0.52 21.21
N ALA A 575 33.48 0.49 20.66
CA ALA A 575 33.30 0.74 19.23
C ALA A 575 33.12 2.24 18.98
N ALA A 576 33.75 3.07 19.81
CA ALA A 576 33.61 4.51 19.73
C ALA A 576 33.97 5.04 18.36
N ASP A 577 35.25 4.98 18.00
CA ASP A 577 35.70 5.39 16.68
C ASP A 577 35.40 4.36 15.59
N ARG A 578 34.70 3.28 15.94
CA ARG A 578 34.19 2.34 14.95
C ARG A 578 32.96 2.98 14.30
N VAL A 579 32.08 2.17 13.70
CA VAL A 579 30.91 2.56 12.91
C VAL A 579 31.27 3.56 11.82
N LEU A 580 32.23 4.46 12.09
CA LEU A 580 32.77 5.33 11.06
C LEU A 580 33.47 4.52 9.97
N ASN A 581 34.52 3.79 10.36
CA ASN A 581 35.15 2.82 9.46
C ASN A 581 34.12 1.88 8.86
N GLN A 582 33.16 1.45 9.66
CA GLN A 582 32.03 0.66 9.15
C GLN A 582 31.27 1.43 8.09
N LEU A 583 31.06 2.74 8.31
CA LEU A 583 30.41 3.56 7.30
C LEU A 583 31.29 3.75 6.07
N LEU A 584 32.61 3.73 6.25
CA LEU A 584 33.53 4.02 5.16
C LEU A 584 33.50 2.95 4.08
N THR A 585 33.62 1.68 4.47
CA THR A 585 33.72 0.61 3.48
C THR A 585 32.44 0.49 2.66
N GLU A 586 31.29 0.69 3.31
CA GLU A 586 30.00 0.51 2.63
C GLU A 586 29.74 1.59 1.59
N MET A 587 30.37 2.76 1.71
CA MET A 587 30.12 3.85 0.76
C MET A 587 30.63 3.49 -0.62
N ASP A 588 31.83 2.91 -0.72
CA ASP A 588 32.37 2.51 -1.99
C ASP A 588 31.57 1.33 -2.54
N GLY A 589 31.72 1.07 -3.84
CA GLY A 589 31.01 -0.02 -4.46
C GLY A 589 29.70 0.46 -5.02
N MET A 590 29.13 1.48 -4.37
CA MET A 590 27.90 2.09 -4.85
C MET A 590 28.10 2.90 -6.12
N ASN A 591 29.35 3.13 -6.54
CA ASN A 591 29.60 3.88 -7.77
C ASN A 591 29.18 3.09 -8.99
N ALA A 592 29.30 1.76 -8.96
CA ALA A 592 28.82 0.93 -10.06
C ALA A 592 27.30 0.89 -10.10
N LYS A 593 26.64 1.10 -8.94
CA LYS A 593 25.18 1.10 -8.91
C LYS A 593 24.61 2.20 -9.79
N LYS A 594 25.31 3.34 -9.89
CA LYS A 594 24.96 4.44 -10.77
C LYS A 594 23.66 5.14 -10.36
N THR A 595 22.60 4.36 -10.12
CA THR A 595 21.28 4.90 -9.78
C THR A 595 21.08 5.05 -8.27
N VAL A 596 22.12 5.43 -7.54
CA VAL A 596 22.04 5.69 -6.10
C VAL A 596 23.00 6.80 -5.74
N PHE A 597 22.59 7.69 -4.83
CA PHE A 597 23.39 8.84 -4.43
C PHE A 597 23.42 8.93 -2.91
N ILE A 598 24.51 9.51 -2.40
CA ILE A 598 24.71 9.68 -0.96
C ILE A 598 24.99 11.15 -0.68
N ILE A 599 24.27 11.71 0.30
CA ILE A 599 24.43 13.11 0.69
C ILE A 599 24.52 13.18 2.21
N GLY A 600 25.35 14.09 2.72
CA GLY A 600 25.53 14.27 4.14
C GLY A 600 25.33 15.72 4.55
N ALA A 601 25.43 15.95 5.85
CA ALA A 601 25.22 17.28 6.42
C ALA A 601 26.07 17.44 7.68
N THR A 602 26.55 18.66 7.90
CA THR A 602 27.39 18.98 9.05
C THR A 602 27.46 20.49 9.18
N ASN A 603 27.96 20.95 10.33
CA ASN A 603 28.16 22.36 10.62
C ASN A 603 29.58 22.72 11.01
N ARG A 604 30.33 21.78 11.60
CA ARG A 604 31.71 22.01 11.99
C ARG A 604 32.62 21.13 11.14
N PRO A 605 33.03 21.58 9.95
CA PRO A 605 33.83 20.75 9.05
C PRO A 605 35.32 20.78 9.40
N ASP A 606 35.65 20.29 10.60
CA ASP A 606 37.04 20.23 11.04
C ASP A 606 37.33 18.92 11.74
N ILE A 607 36.51 18.57 12.74
CA ILE A 607 36.67 17.31 13.46
C ILE A 607 36.24 16.11 12.63
N ILE A 608 35.56 16.34 11.51
CA ILE A 608 35.24 15.25 10.60
C ILE A 608 36.51 14.73 9.98
N ASP A 609 36.74 13.42 10.10
CA ASP A 609 37.88 12.80 9.43
C ASP A 609 37.76 12.98 7.92
N SER A 610 38.83 13.47 7.30
CA SER A 610 38.82 13.77 5.87
C SER A 610 38.73 12.53 5.00
N ALA A 611 38.51 11.37 5.61
CA ALA A 611 38.45 10.11 4.84
C ALA A 611 37.32 10.20 3.83
N LEU A 612 36.14 10.64 4.26
CA LEU A 612 34.96 10.66 3.37
C LEU A 612 35.25 11.53 2.13
N LEU A 613 36.02 12.60 2.30
CA LEU A 613 36.25 13.53 1.17
C LEU A 613 36.97 12.79 0.03
N ARG A 614 37.65 11.69 0.35
CA ARG A 614 38.43 10.94 -0.66
C ARG A 614 37.53 10.55 -1.83
N PRO A 615 38.07 10.52 -3.06
CA PRO A 615 37.28 10.16 -4.27
C PRO A 615 36.45 8.92 -4.05
N GLY A 616 35.22 8.92 -4.60
CA GLY A 616 34.35 7.75 -4.48
C GLY A 616 33.47 7.86 -3.24
N ARG A 617 34.09 8.05 -2.08
CA ARG A 617 33.31 8.26 -0.84
C ARG A 617 32.48 9.54 -1.00
N LEU A 618 33.13 10.65 -1.35
CA LEU A 618 32.39 11.91 -1.62
C LEU A 618 33.15 12.68 -2.71
N ASP A 619 32.42 13.38 -3.59
CA ASP A 619 33.08 14.07 -4.73
C ASP A 619 32.49 15.46 -4.96
N GLN A 620 31.99 16.13 -3.90
CA GLN A 620 31.49 17.49 -4.07
C GLN A 620 31.15 18.07 -2.71
N LEU A 621 31.31 19.38 -2.58
CA LEU A 621 31.07 20.08 -1.32
C LEU A 621 30.27 21.34 -1.60
N ILE A 622 29.17 21.52 -0.86
CA ILE A 622 28.25 22.64 -1.07
C ILE A 622 28.01 23.34 0.26
N TYR A 623 28.26 24.65 0.29
CA TYR A 623 27.99 25.46 1.47
C TYR A 623 26.49 25.69 1.63
N ILE A 624 26.10 26.05 2.85
CA ILE A 624 24.70 26.35 3.20
C ILE A 624 23.71 25.32 2.67
N ARG A 632 21.84 36.78 -3.15
CA ARG A 632 22.37 36.65 -1.80
C ARG A 632 21.53 37.46 -0.82
N LEU A 633 22.10 37.67 0.38
CA LEU A 633 21.40 38.33 1.49
C LEU A 633 20.26 37.42 1.98
N ASN A 634 19.25 38.02 2.59
CA ASN A 634 18.08 37.25 3.00
C ASN A 634 17.12 37.12 1.82
N ILE A 635 16.75 35.88 1.47
CA ILE A 635 15.98 35.59 0.29
C ILE A 635 14.50 35.53 0.67
N PHE A 636 13.63 35.56 -0.35
CA PHE A 636 12.20 35.39 -0.12
C PHE A 636 11.92 34.01 0.44
N LYS A 637 10.93 33.94 1.34
CA LYS A 637 10.54 32.69 1.95
C LYS A 637 9.01 32.59 1.92
N ALA A 638 8.50 31.44 1.48
CA ALA A 638 7.06 31.23 1.37
C ALA A 638 6.51 30.70 2.68
N ALA A 639 5.50 31.38 3.20
CA ALA A 639 4.84 30.97 4.43
C ALA A 639 3.68 30.04 4.10
N LEU A 640 2.84 29.76 5.09
CA LEU A 640 1.64 28.96 4.90
C LEU A 640 0.63 29.41 5.94
N ARG A 641 -0.38 28.58 6.20
CA ARG A 641 -1.48 28.90 7.11
C ARG A 641 -2.08 30.28 6.78
N LYS A 642 -2.39 30.49 5.50
CA LYS A 642 -2.87 31.78 5.05
C LYS A 642 -4.34 32.03 5.39
N SER A 643 -4.96 31.16 6.19
CA SER A 643 -6.36 31.36 6.57
C SER A 643 -6.47 32.14 7.88
N PRO A 644 -5.76 31.76 8.97
CA PRO A 644 -5.79 32.61 10.16
C PRO A 644 -4.73 33.69 10.12
N ILE A 645 -4.29 34.03 8.91
CA ILE A 645 -3.26 35.04 8.71
C ILE A 645 -3.91 36.42 8.72
N ALA A 646 -3.10 37.47 8.79
CA ALA A 646 -3.60 38.84 8.72
C ALA A 646 -2.49 39.74 8.20
N LYS A 647 -2.75 40.40 7.08
CA LYS A 647 -1.76 41.27 6.44
C LYS A 647 -1.39 42.47 7.33
N ILE A 651 8.40 43.65 6.53
CA ILE A 651 8.40 42.42 5.75
C ILE A 651 9.85 42.08 5.36
N GLY A 652 10.29 42.59 4.21
CA GLY A 652 11.67 42.42 3.80
C GLY A 652 12.62 43.40 4.46
N ALA A 653 12.09 44.47 5.05
CA ALA A 653 12.95 45.43 5.75
C ALA A 653 13.56 44.82 7.00
N LEU A 654 12.83 43.92 7.67
CA LEU A 654 13.32 43.24 8.86
C LEU A 654 14.60 42.44 8.61
N ALA A 655 14.97 42.24 7.34
CA ALA A 655 16.21 41.55 7.01
C ALA A 655 17.43 42.20 7.65
N LYS A 656 17.41 43.52 7.83
CA LYS A 656 18.50 44.23 8.47
C LYS A 656 18.67 43.79 9.92
N GLY A 663 15.73 28.83 8.07
CA GLY A 663 16.79 29.77 8.39
C GLY A 663 17.23 29.68 9.83
N ALA A 664 17.85 30.76 10.32
CA ALA A 664 18.34 30.79 11.70
C ALA A 664 17.22 30.50 12.69
N ASP A 665 16.17 31.33 12.68
CA ASP A 665 15.02 31.14 13.54
C ASP A 665 13.74 31.45 12.75
N ILE A 666 13.71 31.07 11.48
CA ILE A 666 12.59 31.42 10.59
C ILE A 666 11.28 30.94 11.19
N THR A 667 11.17 29.65 11.48
CA THR A 667 9.92 29.14 12.06
C THR A 667 9.72 29.63 13.48
N GLU A 668 10.82 29.94 14.19
CA GLU A 668 10.72 30.33 15.59
C GLU A 668 9.91 31.61 15.77
N ILE A 669 10.17 32.61 14.92
CA ILE A 669 9.38 33.84 14.96
C ILE A 669 7.99 33.63 14.41
N CYS A 670 7.79 32.62 13.55
CA CYS A 670 6.47 32.37 12.99
C CYS A 670 5.54 31.74 14.02
N GLN A 671 5.98 30.66 14.67
CA GLN A 671 5.13 29.99 15.65
C GLN A 671 4.85 30.90 16.84
N ARG A 672 5.83 31.70 17.24
CA ARG A 672 5.61 32.66 18.32
C ARG A 672 4.60 33.73 17.92
N ALA A 673 4.59 34.13 16.64
CA ALA A 673 3.57 35.05 16.15
C ALA A 673 2.19 34.42 16.21
N CYS A 674 2.09 33.12 15.91
CA CYS A 674 0.83 32.41 16.09
C CYS A 674 0.55 32.14 17.56
N LYS A 675 1.60 31.93 18.36
CA LYS A 675 1.41 31.78 19.80
C LYS A 675 0.91 33.07 20.45
N TYR A 676 1.17 34.22 19.83
CA TYR A 676 0.66 35.49 20.31
C TYR A 676 -0.82 35.62 19.97
N ALA A 677 -1.52 34.49 19.91
CA ALA A 677 -2.95 34.46 19.63
C ALA A 677 -3.68 35.14 20.78
N ILE A 678 -4.24 36.32 20.49
CA ILE A 678 -4.99 37.06 21.49
C ILE A 678 -6.12 36.19 22.02
N ARG A 679 -6.16 36.03 23.35
CA ARG A 679 -7.19 35.22 24.00
C ARG A 679 -8.29 36.09 24.61
N GLU A 680 -8.70 37.14 23.92
CA GLU A 680 -9.79 38.01 24.41
C GLU A 680 -11.13 37.30 24.29
N ASN A 681 -11.25 36.13 24.94
CA ASN A 681 -12.49 35.36 24.85
C ASN A 681 -13.66 36.11 25.50
N ILE A 682 -13.39 36.85 26.57
CA ILE A 682 -14.40 37.71 27.18
C ILE A 682 -13.83 39.11 27.39
N VAL A 707 -11.58 37.33 15.27
CA VAL A 707 -11.34 38.57 14.55
C VAL A 707 -9.85 38.81 14.35
N SER A 708 -9.17 39.23 15.42
CA SER A 708 -7.74 39.51 15.35
C SER A 708 -6.96 38.23 15.06
N GLU A 709 -5.96 38.34 14.19
CA GLU A 709 -5.18 37.18 13.77
C GLU A 709 -3.69 37.41 13.98
N ILE A 710 -3.06 38.13 13.04
CA ILE A 710 -1.63 38.45 13.10
C ILE A 710 -1.49 39.96 13.00
N LYS A 711 -0.48 40.50 13.67
CA LYS A 711 -0.32 41.95 13.72
C LYS A 711 1.15 42.29 13.99
N ALA A 712 1.46 43.58 13.86
CA ALA A 712 2.85 44.04 13.94
C ALA A 712 3.27 44.30 15.37
N ALA A 713 2.38 44.89 16.18
CA ALA A 713 2.72 45.22 17.57
C ALA A 713 3.10 43.99 18.38
N HIS A 714 2.79 42.80 17.86
CA HIS A 714 3.21 41.56 18.50
C HIS A 714 4.59 41.10 18.03
N PHE A 715 5.05 41.56 16.86
CA PHE A 715 6.40 41.20 16.43
C PHE A 715 7.46 41.89 17.28
N GLU A 716 7.27 43.18 17.57
CA GLU A 716 8.28 43.94 18.30
C GLU A 716 8.50 43.39 19.70
N GLU A 717 7.48 42.75 20.28
CA GLU A 717 7.63 42.10 21.58
C GLU A 717 8.41 40.79 21.50
N SER A 718 8.62 40.25 20.30
CA SER A 718 9.32 38.99 20.12
C SER A 718 10.82 39.15 19.95
N MET A 719 11.25 40.19 19.23
CA MET A 719 12.66 40.43 19.01
C MET A 719 13.36 41.07 20.21
N LYS A 720 12.67 41.25 21.32
CA LYS A 720 13.29 41.87 22.49
C LYS A 720 14.33 40.95 23.13
N TYR A 721 14.15 39.63 23.01
CA TYR A 721 15.02 38.68 23.70
C TYR A 721 15.60 37.61 22.79
N ALA A 722 15.30 37.64 21.49
CA ALA A 722 15.78 36.61 20.59
C ALA A 722 17.28 36.73 20.37
N ARG A 723 17.86 35.65 19.84
CA ARG A 723 19.31 35.60 19.59
C ARG A 723 19.64 34.56 18.53
#